data_6ZRY
#
_entry.id   6ZRY
#
_cell.length_a   53.355
_cell.length_b   85.682
_cell.length_c   74.538
_cell.angle_alpha   90.000
_cell.angle_beta   99.764
_cell.angle_gamma   90.000
#
_symmetry.space_group_name_H-M   'P 1 21 1'
#
loop_
_entity.id
_entity.type
_entity.pdbx_description
1 polymer 'DMATS type aromatic prenyltransferase'
2 non-polymer TRYPTOPHAN
3 non-polymer DI(HYDROXYETHYL)ETHER
4 non-polymer 'CALCIUM ION'
5 water water
#
_entity_poly.entity_id   1
_entity_poly.type   'polypeptide(L)'
_entity_poly.pdbx_seq_one_letter_code
;MAGLSVSDHLDGQLARLCEVAGADPVEPRNLLAGLLGPVGPRPLYEPPAWPSGVSDDHTPVEFSIAFNEAEPPTLRILGE
TLGSPPGPLANLSATRGFLDAQARRAGLSTSRLDSVRDLFATDDPQGDFAMWCSLVFRSSRRPEFKVYLNPEVKGVERSP
ALVSEALHRLGLGASYRALLDHGVRPGELGRGDRLTFFAVDLHDGPQARVKLYLTHHEAEVWDVTRAASVVDGVDVAEIE
EFCVVAGGGTRRFDGRPLVGSYTFTEGADRPVGYSIYVPIRSYVTDDQEARDRVAALLVRYGFDTDGLDRAIAAVTPRPL
RDGVGLIAHVSLRLGAPRPGVTVYLSAEAYRVSPPRPRLVPRGSSHHHHHHHH
;
_entity_poly.pdbx_strand_id   AAA,BBB
#
# COMPACT_ATOMS: atom_id res chain seq x y z
N ALA A 2 2.60 -27.39 -3.33
CA ALA A 2 1.84 -26.18 -3.71
C ALA A 2 2.77 -24.98 -3.79
N GLY A 3 2.24 -23.82 -4.15
CA GLY A 3 2.90 -22.53 -3.96
C GLY A 3 3.11 -22.27 -2.50
N LEU A 4 4.05 -21.42 -2.17
CA LEU A 4 4.30 -20.99 -0.79
C LEU A 4 3.07 -20.27 -0.28
N SER A 5 2.69 -20.52 0.96
CA SER A 5 1.68 -19.73 1.69
C SER A 5 2.34 -18.62 2.54
N VAL A 6 1.52 -17.71 3.02
CA VAL A 6 1.98 -16.70 4.00
C VAL A 6 2.52 -17.40 5.23
N SER A 7 1.83 -18.43 5.75
CA SER A 7 2.30 -19.21 6.92
C SER A 7 3.68 -19.82 6.63
N ASP A 8 3.86 -20.40 5.47
CA ASP A 8 5.14 -21.04 5.07
C ASP A 8 6.28 -20.03 5.27
N HIS A 9 6.10 -18.81 4.73
CA HIS A 9 7.08 -17.71 4.81
C HIS A 9 7.29 -17.32 6.28
N LEU A 10 6.21 -16.92 6.98
CA LEU A 10 6.32 -16.27 8.32
C LEU A 10 6.72 -17.30 9.37
N ASP A 11 6.18 -18.51 9.27
CA ASP A 11 6.45 -19.57 10.26
C ASP A 11 7.95 -19.88 10.22
N GLY A 12 8.58 -19.91 9.03
CA GLY A 12 10.04 -20.13 8.89
C GLY A 12 10.84 -19.02 9.52
N GLN A 13 10.46 -17.78 9.26
CA GLN A 13 11.08 -16.59 9.87
C GLN A 13 11.01 -16.70 11.40
N LEU A 14 9.84 -16.97 11.96
CA LEU A 14 9.68 -17.04 13.43
C LEU A 14 10.54 -18.18 14.02
N ALA A 15 10.54 -19.33 13.39
CA ALA A 15 11.31 -20.52 13.86
C ALA A 15 12.80 -20.14 13.97
N ARG A 16 13.34 -19.47 12.97
CA ARG A 16 14.75 -19.05 12.96
C ARG A 16 14.97 -17.95 14.00
N LEU A 17 14.04 -17.02 14.15
CA LEU A 17 14.19 -15.89 15.11
C LEU A 17 14.23 -16.44 16.55
N CYS A 18 13.42 -17.47 16.81
CA CYS A 18 13.32 -18.13 18.13
C CYS A 18 14.68 -18.71 18.52
N GLU A 19 15.35 -19.37 17.57
CA GLU A 19 16.70 -19.97 17.77
C GLU A 19 17.68 -18.86 18.09
N VAL A 20 17.63 -17.76 17.35
CA VAL A 20 18.52 -16.59 17.56
C VAL A 20 18.35 -16.09 19.01
N ALA A 21 17.11 -15.96 19.50
CA ALA A 21 16.78 -15.37 20.82
C ALA A 21 16.83 -16.44 21.93
N GLY A 22 16.89 -17.72 21.56
CA GLY A 22 16.87 -18.86 22.51
C GLY A 22 15.51 -19.00 23.18
N ALA A 23 14.45 -18.54 22.52
CA ALA A 23 13.05 -18.74 22.94
C ALA A 23 12.60 -20.10 22.41
N ASP A 24 11.84 -20.85 23.19
CA ASP A 24 11.26 -22.14 22.77
C ASP A 24 10.24 -21.87 21.66
N PRO A 25 10.33 -22.53 20.48
CA PRO A 25 9.50 -22.21 19.32
C PRO A 25 8.09 -22.79 19.23
N VAL A 26 7.74 -23.80 20.04
CA VAL A 26 6.47 -24.55 19.83
C VAL A 26 5.30 -23.59 20.00
N GLU A 27 5.20 -22.97 21.16
CA GLU A 27 4.06 -22.11 21.52
C GLU A 27 4.08 -20.86 20.62
N PRO A 28 5.23 -20.18 20.39
CA PRO A 28 5.26 -19.05 19.46
C PRO A 28 4.73 -19.37 18.06
N ARG A 29 5.09 -20.51 17.53
CA ARG A 29 4.67 -20.90 16.16
C ARG A 29 3.18 -21.24 16.17
N ASN A 30 2.69 -21.83 17.24
CA ASN A 30 1.23 -22.11 17.44
C ASN A 30 0.47 -20.79 17.51
N LEU A 31 1.03 -19.79 18.19
CA LEU A 31 0.34 -18.50 18.39
C LEU A 31 0.36 -17.72 17.06
N LEU A 32 1.47 -17.74 16.31
CA LEU A 32 1.51 -17.05 14.99
C LEU A 32 0.45 -17.64 14.05
N ALA A 33 0.32 -18.97 13.96
CA ALA A 33 -0.72 -19.63 13.15
C ALA A 33 -2.10 -19.14 13.56
N GLY A 34 -2.37 -19.03 14.85
CA GLY A 34 -3.66 -18.50 15.38
C GLY A 34 -3.87 -17.06 14.94
N LEU A 35 -2.84 -16.23 15.09
CA LEU A 35 -2.93 -14.79 14.79
C LEU A 35 -3.21 -14.62 13.29
N LEU A 36 -2.57 -15.42 12.45
CA LEU A 36 -2.74 -15.29 10.97
C LEU A 36 -4.18 -15.63 10.55
N GLY A 37 -4.84 -16.56 11.25
CA GLY A 37 -6.18 -17.03 10.87
C GLY A 37 -6.21 -17.39 9.39
N PRO A 38 -7.14 -16.80 8.58
CA PRO A 38 -7.34 -17.23 7.20
C PRO A 38 -6.22 -16.81 6.23
N VAL A 39 -5.33 -15.92 6.65
CA VAL A 39 -4.16 -15.48 5.87
C VAL A 39 -3.12 -16.59 5.82
N GLY A 40 -3.02 -17.40 6.88
CA GLY A 40 -1.96 -18.42 6.98
C GLY A 40 -1.89 -19.29 5.72
N PRO A 41 -3.00 -19.95 5.33
CA PRO A 41 -2.98 -20.84 4.18
C PRO A 41 -3.02 -20.15 2.81
N ARG A 42 -3.13 -18.84 2.78
CA ARG A 42 -3.27 -18.04 1.54
C ARG A 42 -1.95 -18.09 0.75
N PRO A 43 -2.00 -18.41 -0.55
CA PRO A 43 -0.77 -18.42 -1.37
C PRO A 43 -0.10 -17.03 -1.45
N LEU A 44 1.24 -16.99 -1.41
CA LEU A 44 2.05 -15.75 -1.58
C LEU A 44 1.83 -15.14 -2.96
N TYR A 45 1.52 -15.92 -3.98
CA TYR A 45 1.33 -15.42 -5.37
C TYR A 45 -0.04 -14.74 -5.50
N GLU A 46 -0.94 -14.85 -4.51
CA GLU A 46 -2.18 -14.06 -4.47
C GLU A 46 -1.86 -12.72 -3.82
N PRO A 47 -2.51 -11.61 -4.19
CA PRO A 47 -2.28 -10.33 -3.52
C PRO A 47 -2.70 -10.42 -2.07
N PRO A 48 -2.32 -9.44 -1.21
CA PRO A 48 -2.77 -9.43 0.17
C PRO A 48 -4.29 -9.53 0.27
N ALA A 49 -4.78 -10.23 1.29
CA ALA A 49 -6.23 -10.48 1.54
C ALA A 49 -6.95 -9.16 1.84
N TRP A 50 -6.19 -8.14 2.28
CA TRP A 50 -6.68 -6.85 2.81
C TRP A 50 -5.47 -5.93 2.97
N PRO A 51 -5.58 -4.62 2.68
CA PRO A 51 -4.41 -3.73 2.85
C PRO A 51 -4.12 -3.37 4.32
N SER A 52 -3.61 -4.36 5.07
CA SER A 52 -3.29 -4.23 6.52
C SER A 52 -2.27 -3.09 6.73
N GLY A 53 -2.50 -2.25 7.73
CA GLY A 53 -1.54 -1.20 8.08
C GLY A 53 -0.35 -1.71 8.89
N VAL A 54 -0.30 -3.01 9.25
CA VAL A 54 0.76 -3.57 10.14
C VAL A 54 2.15 -3.34 9.46
N SER A 55 2.22 -3.46 8.14
CA SER A 55 3.49 -3.35 7.38
C SER A 55 3.20 -2.71 6.01
N ASP A 56 4.25 -2.15 5.39
CA ASP A 56 4.17 -1.39 4.13
C ASP A 56 3.65 -2.30 3.01
N ASP A 57 4.03 -3.58 2.98
CA ASP A 57 3.63 -4.52 1.91
C ASP A 57 2.31 -5.21 2.27
N HIS A 58 1.69 -4.84 3.41
CA HIS A 58 0.37 -5.30 3.89
C HIS A 58 0.43 -6.74 4.43
N THR A 59 1.62 -7.28 4.67
CA THR A 59 1.76 -8.47 5.51
C THR A 59 1.14 -8.11 6.86
N PRO A 60 0.17 -8.90 7.41
CA PRO A 60 -0.47 -8.52 8.67
C PRO A 60 0.31 -8.85 9.95
N VAL A 61 1.63 -9.03 9.84
N VAL A 61 1.64 -8.98 9.84
CA VAL A 61 2.54 -9.22 10.99
CA VAL A 61 2.56 -9.33 10.95
C VAL A 61 3.79 -8.38 10.76
C VAL A 61 3.88 -8.55 10.75
N GLU A 62 4.47 -8.08 11.85
CA GLU A 62 5.83 -7.46 11.87
C GLU A 62 6.57 -8.05 13.07
N PHE A 63 7.81 -8.45 12.87
CA PHE A 63 8.68 -9.01 13.92
C PHE A 63 9.46 -7.88 14.56
N SER A 64 9.93 -8.08 15.78
CA SER A 64 10.94 -7.20 16.40
C SER A 64 11.76 -7.97 17.39
N ILE A 65 12.98 -7.49 17.60
CA ILE A 65 13.90 -8.04 18.60
C ILE A 65 14.37 -6.87 19.48
N ALA A 66 14.15 -7.02 20.77
CA ALA A 66 14.48 -6.03 21.81
C ALA A 66 15.73 -6.51 22.54
N PHE A 67 16.79 -5.72 22.50
CA PHE A 67 18.02 -5.96 23.26
C PHE A 67 17.93 -5.22 24.58
N ASN A 68 18.06 -5.96 25.66
CA ASN A 68 17.78 -5.53 27.05
C ASN A 68 19.11 -5.63 27.82
N GLU A 69 19.47 -4.62 28.63
CA GLU A 69 20.69 -4.66 29.48
C GLU A 69 20.57 -5.85 30.44
N ALA A 70 21.55 -6.75 30.43
CA ALA A 70 21.58 -7.95 31.32
C ALA A 70 20.22 -8.65 31.29
N GLU A 71 19.83 -9.18 30.12
CA GLU A 71 18.66 -10.07 29.88
C GLU A 71 18.71 -10.51 28.43
N PRO A 72 18.42 -11.79 28.09
CA PRO A 72 18.48 -12.25 26.70
C PRO A 72 17.49 -11.43 25.87
N PRO A 73 17.62 -11.36 24.53
CA PRO A 73 16.70 -10.53 23.73
C PRO A 73 15.25 -11.03 23.79
N THR A 74 14.32 -10.10 23.68
CA THR A 74 12.88 -10.36 23.65
C THR A 74 12.42 -10.33 22.18
N LEU A 75 11.73 -11.36 21.74
CA LEU A 75 11.17 -11.45 20.37
C LEU A 75 9.68 -11.10 20.46
N ARG A 76 9.17 -10.28 19.55
N ARG A 76 9.19 -10.26 19.56
CA ARG A 76 7.74 -9.93 19.54
CA ARG A 76 7.76 -9.84 19.51
C ARG A 76 7.21 -10.01 18.10
C ARG A 76 7.22 -10.03 18.09
N ILE A 77 5.91 -10.28 18.00
CA ILE A 77 5.14 -10.21 16.75
C ILE A 77 4.02 -9.22 17.00
N LEU A 78 3.89 -8.22 16.14
CA LEU A 78 2.70 -7.35 16.08
C LEU A 78 1.86 -7.80 14.91
N GLY A 79 0.56 -7.93 15.06
CA GLY A 79 -0.26 -8.18 13.87
C GLY A 79 -1.72 -8.27 14.17
N GLU A 80 -2.47 -8.77 13.18
CA GLU A 80 -3.93 -8.84 13.27
C GLU A 80 -4.41 -10.09 12.52
N THR A 81 -5.58 -10.54 12.91
CA THR A 81 -6.31 -11.65 12.28
C THR A 81 -7.36 -11.05 11.37
N LEU A 82 -7.27 -11.30 10.08
CA LEU A 82 -8.21 -10.74 9.12
C LEU A 82 -9.55 -11.51 9.23
N GLY A 83 -10.66 -10.82 8.99
CA GLY A 83 -12.01 -11.41 9.02
C GLY A 83 -12.32 -12.22 7.76
N SER A 84 -13.50 -12.89 7.75
CA SER A 84 -13.85 -13.94 6.76
C SER A 84 -14.02 -13.31 5.38
N PRO A 85 -14.94 -12.32 5.19
CA PRO A 85 -14.70 -11.27 4.22
C PRO A 85 -13.82 -10.26 4.99
N PRO A 86 -12.56 -9.98 4.56
CA PRO A 86 -11.73 -9.04 5.30
C PRO A 86 -12.35 -7.64 5.32
N GLY A 87 -12.24 -6.96 6.46
CA GLY A 87 -12.74 -5.60 6.66
C GLY A 87 -12.56 -5.13 8.09
N PRO A 88 -12.73 -3.82 8.35
CA PRO A 88 -12.46 -3.25 9.68
C PRO A 88 -13.15 -3.96 10.87
N LEU A 89 -14.45 -4.21 10.76
CA LEU A 89 -15.26 -4.79 11.86
C LEU A 89 -14.99 -6.31 11.95
N ALA A 90 -14.91 -6.97 10.83
CA ALA A 90 -14.66 -8.43 10.70
C ALA A 90 -13.24 -8.76 11.25
N ASN A 91 -12.27 -7.86 10.99
CA ASN A 91 -10.86 -8.00 11.45
C ASN A 91 -10.83 -7.86 12.98
N LEU A 92 -11.53 -6.86 13.52
CA LEU A 92 -11.66 -6.67 14.98
C LEU A 92 -12.22 -7.94 15.63
N SER A 93 -13.34 -8.44 15.11
CA SER A 93 -14.01 -9.66 15.62
C SER A 93 -13.03 -10.84 15.63
N ALA A 94 -12.32 -11.08 14.52
CA ALA A 94 -11.37 -12.20 14.37
C ALA A 94 -10.19 -12.00 15.34
N THR A 95 -9.66 -10.78 15.46
CA THR A 95 -8.49 -10.53 16.31
C THR A 95 -8.91 -10.71 17.77
N ARG A 96 -10.05 -10.14 18.17
N ARG A 96 -10.05 -10.12 18.17
CA ARG A 96 -10.51 -10.27 19.57
CA ARG A 96 -10.62 -10.25 19.53
C ARG A 96 -10.83 -11.75 19.85
C ARG A 96 -10.83 -11.73 19.83
N GLY A 97 -11.45 -12.45 18.88
CA GLY A 97 -11.72 -13.89 18.97
C GLY A 97 -10.45 -14.67 19.30
N PHE A 98 -9.35 -14.39 18.61
CA PHE A 98 -8.05 -15.04 18.86
C PHE A 98 -7.57 -14.72 20.29
N LEU A 99 -7.54 -13.45 20.64
CA LEU A 99 -7.04 -13.01 21.96
C LEU A 99 -7.93 -13.62 23.07
N ASP A 100 -9.24 -13.58 22.92
CA ASP A 100 -10.18 -14.07 23.98
C ASP A 100 -9.96 -15.57 24.19
N ALA A 101 -9.77 -16.32 23.12
CA ALA A 101 -9.47 -17.78 23.18
C ALA A 101 -8.16 -17.99 23.94
N GLN A 102 -7.15 -17.16 23.67
CA GLN A 102 -5.82 -17.29 24.32
C GLN A 102 -5.91 -16.85 25.79
N ALA A 103 -6.68 -15.81 26.11
CA ALA A 103 -6.97 -15.44 27.51
C ALA A 103 -7.58 -16.66 28.24
N ARG A 104 -8.56 -17.31 27.63
CA ARG A 104 -9.27 -18.46 28.27
C ARG A 104 -8.27 -19.58 28.48
N ARG A 105 -7.45 -19.86 27.48
CA ARG A 105 -6.50 -21.00 27.49
C ARG A 105 -5.46 -20.81 28.62
N ALA A 106 -4.88 -19.59 28.74
CA ALA A 106 -3.78 -19.29 29.68
C ALA A 106 -4.32 -18.94 31.08
N GLY A 107 -5.64 -18.91 31.26
CA GLY A 107 -6.29 -18.56 32.54
C GLY A 107 -6.02 -17.12 32.91
N LEU A 108 -6.06 -16.19 31.95
CA LEU A 108 -5.79 -14.75 32.22
C LEU A 108 -7.07 -14.06 32.65
N SER A 109 -6.96 -13.06 33.51
CA SER A 109 -8.06 -12.13 33.85
C SER A 109 -7.94 -10.90 32.98
N THR A 110 -9.02 -10.46 32.37
CA THR A 110 -9.04 -9.35 31.37
C THR A 110 -9.99 -8.25 31.83
N SER A 111 -10.23 -8.13 33.13
CA SER A 111 -11.22 -7.21 33.73
C SER A 111 -10.85 -5.76 33.39
N ARG A 112 -9.57 -5.39 33.44
CA ARG A 112 -9.12 -4.00 33.13
C ARG A 112 -9.44 -3.67 31.68
N LEU A 113 -9.02 -4.54 30.75
CA LEU A 113 -9.33 -4.39 29.29
C LEU A 113 -10.86 -4.37 29.10
N ASP A 114 -11.58 -5.30 29.73
CA ASP A 114 -13.06 -5.40 29.62
C ASP A 114 -13.71 -4.08 30.07
N SER A 115 -13.15 -3.44 31.11
CA SER A 115 -13.75 -2.25 31.75
C SER A 115 -13.77 -1.05 30.78
N VAL A 116 -12.99 -1.07 29.68
CA VAL A 116 -12.92 0.09 28.73
C VAL A 116 -13.44 -0.27 27.34
N ARG A 117 -13.87 -1.54 27.11
CA ARG A 117 -14.33 -2.08 25.81
C ARG A 117 -15.39 -1.17 25.17
N ASP A 118 -16.42 -0.79 25.94
CA ASP A 118 -17.58 0.00 25.45
C ASP A 118 -17.14 1.37 24.94
N LEU A 119 -16.02 1.92 25.44
CA LEU A 119 -15.54 3.24 24.99
C LEU A 119 -15.00 3.12 23.56
N PHE A 120 -14.41 1.98 23.19
CA PHE A 120 -13.87 1.73 21.84
C PHE A 120 -14.92 1.08 20.94
N ALA A 121 -15.96 0.45 21.49
CA ALA A 121 -16.90 -0.38 20.71
C ALA A 121 -17.69 0.52 19.78
N THR A 122 -17.77 0.14 18.51
CA THR A 122 -18.51 0.88 17.47
C THR A 122 -18.73 -0.06 16.30
N ASP A 123 -19.91 0.03 15.69
CA ASP A 123 -20.32 -0.79 14.52
C ASP A 123 -19.61 -0.30 13.27
N ASP A 124 -19.17 0.96 13.26
CA ASP A 124 -18.52 1.60 12.11
C ASP A 124 -17.11 2.07 12.49
N PRO A 125 -16.16 1.14 12.79
CA PRO A 125 -14.80 1.53 13.18
C PRO A 125 -14.14 2.36 12.08
N GLN A 126 -13.44 3.43 12.47
CA GLN A 126 -12.75 4.37 11.57
C GLN A 126 -11.27 4.00 11.51
N GLY A 127 -10.60 4.33 10.40
CA GLY A 127 -9.16 4.10 10.22
C GLY A 127 -8.91 2.66 9.80
N ASP A 128 -7.65 2.23 9.75
CA ASP A 128 -7.39 0.91 9.10
C ASP A 128 -7.32 -0.21 10.14
N PHE A 129 -7.66 0.07 11.41
CA PHE A 129 -7.78 -0.99 12.44
C PHE A 129 -8.56 -0.47 13.65
N ALA A 130 -9.07 -1.40 14.47
CA ALA A 130 -9.67 -1.17 15.77
C ALA A 130 -8.80 -1.83 16.85
N MET A 131 -8.25 -3.03 16.57
CA MET A 131 -7.47 -3.80 17.59
C MET A 131 -6.38 -4.62 16.89
N TRP A 132 -5.14 -4.42 17.32
CA TRP A 132 -4.00 -5.28 16.95
C TRP A 132 -3.55 -6.04 18.19
N CYS A 133 -2.73 -7.03 17.97
CA CYS A 133 -2.20 -7.99 18.95
C CYS A 133 -0.67 -7.85 18.93
N SER A 134 0.00 -7.87 20.10
CA SER A 134 1.46 -8.10 20.23
C SER A 134 1.68 -9.38 21.03
N LEU A 135 2.44 -10.32 20.48
CA LEU A 135 2.86 -11.59 21.11
C LEU A 135 4.30 -11.39 21.57
N VAL A 136 4.59 -11.65 22.85
CA VAL A 136 5.92 -11.33 23.43
C VAL A 136 6.57 -12.62 23.92
N PHE A 137 7.74 -12.94 23.39
CA PHE A 137 8.47 -14.22 23.63
C PHE A 137 9.85 -13.96 24.24
N ARG A 138 10.22 -14.74 25.23
CA ARG A 138 11.58 -14.68 25.85
C ARG A 138 12.00 -16.08 26.23
N SER A 139 13.31 -16.28 26.37
CA SER A 139 13.89 -17.46 27.08
C SER A 139 13.33 -17.46 28.50
N SER A 140 12.78 -18.58 28.94
CA SER A 140 12.43 -18.86 30.36
C SER A 140 11.16 -18.10 30.77
N ARG A 141 10.41 -17.49 29.83
CA ARG A 141 9.07 -16.93 30.15
C ARG A 141 8.02 -17.50 29.19
N ARG A 142 6.81 -17.71 29.70
CA ARG A 142 5.62 -18.05 28.90
C ARG A 142 5.33 -16.85 28.00
N PRO A 143 4.74 -17.02 26.79
CA PRO A 143 4.34 -15.85 25.98
C PRO A 143 3.43 -14.88 26.74
N GLU A 144 3.60 -13.59 26.48
CA GLU A 144 2.73 -12.50 26.99
C GLU A 144 1.92 -11.94 25.82
N PHE A 145 0.72 -11.48 26.09
CA PHE A 145 -0.16 -10.86 25.09
C PHE A 145 -0.31 -9.39 25.43
N LYS A 146 -0.26 -8.53 24.40
CA LYS A 146 -0.58 -7.09 24.52
C LYS A 146 -1.62 -6.76 23.48
N VAL A 147 -2.53 -5.88 23.83
CA VAL A 147 -3.65 -5.43 22.95
C VAL A 147 -3.40 -3.96 22.60
N TYR A 148 -3.44 -3.67 21.31
CA TYR A 148 -3.20 -2.35 20.72
C TYR A 148 -4.54 -1.85 20.17
N LEU A 149 -5.16 -0.90 20.86
CA LEU A 149 -6.47 -0.34 20.44
C LEU A 149 -6.22 0.95 19.69
N ASN A 150 -7.06 1.24 18.70
CA ASN A 150 -6.99 2.48 17.88
C ASN A 150 -7.76 3.56 18.61
N PRO A 151 -7.10 4.62 19.16
CA PRO A 151 -7.78 5.72 19.82
C PRO A 151 -8.69 6.48 18.86
N GLU A 152 -8.43 6.37 17.57
CA GLU A 152 -9.16 7.13 16.52
C GLU A 152 -10.30 6.30 15.92
N VAL A 153 -10.68 5.21 16.56
CA VAL A 153 -11.66 4.24 15.99
C VAL A 153 -13.04 4.90 15.86
N LYS A 154 -13.37 5.89 16.69
CA LYS A 154 -14.65 6.65 16.58
C LYS A 154 -14.37 8.00 15.89
N GLY A 155 -13.23 8.11 15.18
CA GLY A 155 -12.81 9.30 14.45
C GLY A 155 -11.71 10.06 15.19
N VAL A 156 -10.93 10.85 14.46
CA VAL A 156 -9.76 11.57 15.02
C VAL A 156 -10.26 12.61 16.06
N GLU A 157 -11.40 13.27 15.81
CA GLU A 157 -11.92 14.36 16.68
C GLU A 157 -12.23 13.82 18.08
N ARG A 158 -12.73 12.60 18.16
CA ARG A 158 -13.19 11.97 19.43
C ARG A 158 -12.03 11.32 20.19
N SER A 159 -10.84 11.18 19.59
CA SER A 159 -9.72 10.40 20.17
C SER A 159 -9.27 10.97 21.52
N PRO A 160 -9.08 12.29 21.72
CA PRO A 160 -8.58 12.76 23.01
C PRO A 160 -9.56 12.40 24.14
N ALA A 161 -10.87 12.52 23.90
CA ALA A 161 -11.94 12.27 24.91
C ALA A 161 -12.03 10.78 25.18
N LEU A 162 -11.94 9.95 24.15
CA LEU A 162 -11.92 8.47 24.26
C LEU A 162 -10.77 8.08 25.19
N VAL A 163 -9.55 8.55 24.91
CA VAL A 163 -8.36 8.20 25.74
C VAL A 163 -8.57 8.73 27.16
N SER A 164 -9.01 9.98 27.31
CA SER A 164 -9.22 10.58 28.64
C SER A 164 -10.16 9.70 29.47
N GLU A 165 -11.27 9.27 28.88
N GLU A 165 -11.28 9.29 28.87
CA GLU A 165 -12.32 8.51 29.61
CA GLU A 165 -12.36 8.50 29.53
C GLU A 165 -11.82 7.10 29.90
C GLU A 165 -11.82 7.10 29.89
N ALA A 166 -11.11 6.46 28.96
CA ALA A 166 -10.53 5.10 29.19
C ALA A 166 -9.50 5.15 30.32
N LEU A 167 -8.61 6.15 30.35
CA LEU A 167 -7.58 6.23 31.41
C LEU A 167 -8.26 6.53 32.75
N HIS A 168 -9.24 7.43 32.79
CA HIS A 168 -10.01 7.71 34.04
C HIS A 168 -10.62 6.42 34.60
N ARG A 169 -11.26 5.63 33.76
CA ARG A 169 -11.87 4.36 34.20
C ARG A 169 -10.82 3.46 34.83
N LEU A 170 -9.60 3.49 34.33
CA LEU A 170 -8.56 2.53 34.79
C LEU A 170 -7.89 3.04 36.07
N GLY A 171 -8.20 4.28 36.50
CA GLY A 171 -7.58 4.90 37.68
C GLY A 171 -6.27 5.57 37.33
N LEU A 172 -6.11 5.89 36.06
CA LEU A 172 -4.99 6.67 35.51
C LEU A 172 -5.57 8.04 35.13
N GLY A 173 -4.82 8.85 34.44
CA GLY A 173 -5.35 10.12 33.92
C GLY A 173 -4.44 11.29 34.20
N ALA A 174 -3.74 11.31 35.34
CA ALA A 174 -2.92 12.47 35.78
C ALA A 174 -1.70 12.59 34.86
N SER A 175 -0.99 11.49 34.56
CA SER A 175 0.18 11.55 33.64
C SER A 175 -0.32 11.96 32.26
N TYR A 176 -1.46 11.43 31.88
CA TYR A 176 -2.07 11.76 30.57
C TYR A 176 -2.39 13.25 30.54
N ARG A 177 -2.96 13.77 31.63
N ARG A 177 -2.96 13.77 31.63
CA ARG A 177 -3.32 15.22 31.73
CA ARG A 177 -3.31 15.22 31.71
C ARG A 177 -2.03 16.04 31.57
C ARG A 177 -2.03 16.03 31.55
N ALA A 178 -0.93 15.60 32.19
CA ALA A 178 0.41 16.21 32.06
C ALA A 178 0.82 16.23 30.58
N LEU A 179 0.57 15.13 29.84
CA LEU A 179 0.94 15.06 28.41
C LEU A 179 0.03 16.00 27.60
N LEU A 180 -1.28 15.96 27.79
CA LEU A 180 -2.19 16.82 26.96
C LEU A 180 -1.92 18.29 27.27
N ASP A 181 -1.75 18.66 28.54
CA ASP A 181 -1.65 20.08 28.93
C ASP A 181 -0.23 20.63 28.70
N HIS A 182 0.79 19.77 28.80
CA HIS A 182 2.21 20.25 28.80
C HIS A 182 3.11 19.47 27.82
N GLY A 183 2.60 18.45 27.09
CA GLY A 183 3.41 17.55 26.27
C GLY A 183 3.03 17.51 24.79
N VAL A 184 2.04 18.29 24.33
CA VAL A 184 1.55 18.26 22.91
C VAL A 184 1.87 19.59 22.21
N ARG A 185 2.43 19.56 20.98
CA ARG A 185 2.85 20.78 20.23
C ARG A 185 1.71 21.78 20.26
N PRO A 186 1.96 23.09 20.51
CA PRO A 186 0.89 24.08 20.56
C PRO A 186 -0.09 23.96 19.36
N GLY A 187 -1.37 23.64 19.65
CA GLY A 187 -2.49 23.61 18.68
C GLY A 187 -2.47 22.39 17.76
N GLU A 188 -1.93 21.25 18.20
CA GLU A 188 -1.62 20.12 17.27
C GLU A 188 -2.29 18.81 17.68
N LEU A 189 -3.10 18.77 18.73
CA LEU A 189 -3.73 17.51 19.17
C LEU A 189 -4.78 17.06 18.13
N GLY A 190 -4.73 15.79 17.71
CA GLY A 190 -5.56 15.26 16.61
C GLY A 190 -5.19 15.85 15.25
N ARG A 191 -4.09 16.61 15.16
CA ARG A 191 -3.60 17.22 13.89
C ARG A 191 -2.17 16.76 13.65
N GLY A 192 -1.16 17.58 13.93
CA GLY A 192 0.24 17.14 13.83
C GLY A 192 0.54 16.03 14.84
N ASP A 193 -0.10 16.05 16.01
CA ASP A 193 0.14 15.07 17.11
C ASP A 193 -1.09 14.16 17.26
N ARG A 194 -0.96 12.92 16.83
CA ARG A 194 -2.08 11.98 16.63
C ARG A 194 -1.97 10.89 17.67
N LEU A 195 -3.07 10.53 18.31
CA LEU A 195 -3.13 9.39 19.27
C LEU A 195 -3.27 8.09 18.47
N THR A 196 -2.22 7.31 18.41
CA THR A 196 -2.08 6.23 17.40
C THR A 196 -2.40 4.87 18.02
N PHE A 197 -1.87 4.57 19.20
CA PHE A 197 -2.15 3.29 19.88
C PHE A 197 -2.43 3.53 21.36
N PHE A 198 -3.40 2.79 21.87
CA PHE A 198 -3.68 2.63 23.30
C PHE A 198 -3.41 1.18 23.64
N ALA A 199 -2.28 0.89 24.28
CA ALA A 199 -1.75 -0.48 24.44
C ALA A 199 -1.84 -0.88 25.91
N VAL A 200 -2.41 -2.05 26.18
CA VAL A 200 -2.50 -2.64 27.56
C VAL A 200 -2.12 -4.11 27.51
N ASP A 201 -1.65 -4.64 28.63
CA ASP A 201 -1.49 -6.11 28.76
C ASP A 201 -2.89 -6.73 28.66
N LEU A 202 -3.01 -7.88 28.02
CA LEU A 202 -4.27 -8.66 28.01
C LEU A 202 -4.60 -9.02 29.46
N HIS A 203 -3.59 -9.46 30.20
CA HIS A 203 -3.73 -9.96 31.60
C HIS A 203 -3.72 -8.76 32.56
N ASP A 204 -4.73 -8.67 33.43
CA ASP A 204 -4.71 -7.72 34.57
C ASP A 204 -3.40 -7.93 35.35
N GLY A 205 -2.56 -6.90 35.44
CA GLY A 205 -1.39 -6.90 36.33
C GLY A 205 -1.76 -6.43 37.73
N PRO A 206 -0.79 -6.33 38.67
CA PRO A 206 -1.07 -5.82 40.02
C PRO A 206 -1.61 -4.38 40.02
N GLN A 207 -1.24 -3.57 39.02
CA GLN A 207 -1.73 -2.17 38.91
C GLN A 207 -2.05 -1.85 37.44
N ALA A 208 -2.92 -0.89 37.23
CA ALA A 208 -3.30 -0.42 35.88
C ALA A 208 -2.04 0.17 35.22
N ARG A 209 -1.87 -0.11 33.95
CA ARG A 209 -0.71 0.37 33.17
C ARG A 209 -1.14 0.45 31.70
N VAL A 210 -0.86 1.57 31.07
CA VAL A 210 -1.20 1.83 29.64
C VAL A 210 0.03 2.41 28.95
N LYS A 211 0.28 1.97 27.73
CA LYS A 211 1.29 2.60 26.88
C LYS A 211 0.55 3.35 25.77
N LEU A 212 0.66 4.68 25.75
CA LEU A 212 0.04 5.52 24.73
C LEU A 212 1.10 5.93 23.71
N TYR A 213 0.80 5.76 22.44
CA TYR A 213 1.72 6.14 21.35
C TYR A 213 1.17 7.37 20.62
N LEU A 214 2.01 8.37 20.44
CA LEU A 214 1.69 9.63 19.69
C LEU A 214 2.53 9.65 18.42
N THR A 215 1.91 9.95 17.29
CA THR A 215 2.62 10.15 16.02
C THR A 215 2.79 11.64 15.83
N HIS A 216 4.03 12.06 15.64
CA HIS A 216 4.43 13.47 15.47
C HIS A 216 4.66 13.76 14.00
N HIS A 217 3.66 14.22 13.28
CA HIS A 217 3.73 14.44 11.81
C HIS A 217 4.67 15.61 11.50
N GLU A 218 5.56 15.44 10.52
CA GLU A 218 6.47 16.51 10.00
C GLU A 218 7.06 17.28 11.19
N ALA A 219 7.80 16.58 12.03
CA ALA A 219 8.17 17.08 13.37
C ALA A 219 9.66 17.37 13.42
N GLU A 220 10.01 18.44 14.13
CA GLU A 220 11.39 18.75 14.55
C GLU A 220 11.73 17.87 15.75
N VAL A 221 12.93 17.31 15.79
CA VAL A 221 13.44 16.55 16.97
C VAL A 221 13.33 17.44 18.22
N TRP A 222 13.56 18.75 18.09
CA TRP A 222 13.37 19.73 19.20
C TRP A 222 11.98 19.56 19.83
N ASP A 223 10.97 19.47 19.00
CA ASP A 223 9.56 19.39 19.46
C ASP A 223 9.25 18.00 20.02
N VAL A 224 9.74 16.93 19.40
CA VAL A 224 9.49 15.57 19.87
C VAL A 224 10.18 15.37 21.24
N THR A 225 11.37 15.90 21.44
CA THR A 225 12.10 15.79 22.75
C THR A 225 11.43 16.69 23.78
N ARG A 226 10.81 17.79 23.37
CA ARG A 226 10.03 18.63 24.32
C ARG A 226 8.81 17.82 24.81
N ALA A 227 8.14 17.11 23.91
CA ALA A 227 7.04 16.20 24.29
C ALA A 227 7.59 15.14 25.25
N ALA A 228 8.76 14.59 24.96
CA ALA A 228 9.34 13.51 25.80
C ALA A 228 9.68 14.03 27.19
N SER A 229 10.00 15.31 27.33
CA SER A 229 10.53 15.89 28.59
C SER A 229 9.48 15.86 29.72
N VAL A 230 8.20 15.56 29.46
CA VAL A 230 7.20 15.37 30.57
C VAL A 230 7.51 14.06 31.31
N VAL A 231 8.26 13.15 30.72
CA VAL A 231 8.57 11.84 31.35
C VAL A 231 9.71 12.01 32.36
N ASP A 232 9.51 11.41 33.53
CA ASP A 232 10.50 11.23 34.61
C ASP A 232 11.82 10.72 34.07
N GLY A 233 12.87 11.50 34.26
CA GLY A 233 14.26 11.03 34.16
C GLY A 233 14.72 10.82 32.72
N VAL A 234 13.96 11.24 31.71
CA VAL A 234 14.47 11.15 30.30
C VAL A 234 15.51 12.22 30.05
N ASP A 235 16.54 11.84 29.30
CA ASP A 235 17.63 12.71 28.85
C ASP A 235 17.28 13.16 27.43
N VAL A 236 16.88 14.42 27.25
CA VAL A 236 16.53 14.97 25.91
C VAL A 236 17.75 14.86 24.99
N ALA A 237 18.98 15.08 25.48
CA ALA A 237 20.20 14.99 24.68
C ALA A 237 20.36 13.58 24.10
N GLU A 238 20.14 12.56 24.91
CA GLU A 238 20.26 11.13 24.52
C GLU A 238 19.24 10.85 23.42
N ILE A 239 18.00 11.38 23.54
CA ILE A 239 16.95 11.12 22.52
C ILE A 239 17.41 11.75 21.20
N GLU A 240 17.89 13.01 21.24
CA GLU A 240 18.39 13.69 20.03
C GLU A 240 19.56 12.94 19.42
N GLU A 241 20.52 12.46 20.23
CA GLU A 241 21.70 11.68 19.73
C GLU A 241 21.18 10.44 18.99
N PHE A 242 20.21 9.76 19.58
CA PHE A 242 19.61 8.54 19.00
C PHE A 242 19.00 8.90 17.64
N CYS A 243 18.28 10.00 17.57
CA CYS A 243 17.55 10.42 16.34
C CYS A 243 18.56 10.81 15.24
N VAL A 244 19.65 11.52 15.60
CA VAL A 244 20.73 11.94 14.65
C VAL A 244 21.37 10.70 14.01
N VAL A 245 21.74 9.70 14.80
CA VAL A 245 22.38 8.47 14.27
C VAL A 245 21.36 7.73 13.41
N ALA A 246 20.16 7.46 13.93
CA ALA A 246 19.15 6.64 13.20
C ALA A 246 18.71 7.35 11.90
N GLY A 247 18.52 8.68 11.95
CA GLY A 247 18.06 9.50 10.82
C GLY A 247 19.17 9.95 9.88
N GLY A 248 20.44 9.69 10.19
CA GLY A 248 21.56 10.08 9.31
C GLY A 248 21.85 11.58 9.29
N GLY A 249 21.38 12.34 10.28
CA GLY A 249 21.60 13.80 10.38
C GLY A 249 20.33 14.61 10.18
N THR A 250 19.26 14.02 9.68
CA THR A 250 17.89 14.63 9.61
C THR A 250 17.54 15.27 10.98
N ARG A 251 17.06 16.51 10.97
CA ARG A 251 16.48 17.17 12.18
C ARG A 251 14.95 17.30 12.03
N ARG A 252 14.47 17.47 10.80
CA ARG A 252 13.03 17.48 10.44
C ARG A 252 12.71 16.11 9.86
N PHE A 253 11.90 15.34 10.53
CA PHE A 253 11.47 14.01 10.04
C PHE A 253 10.20 14.22 9.21
N ASP A 254 10.41 14.71 7.98
CA ASP A 254 9.35 15.06 6.99
C ASP A 254 9.01 13.86 6.10
N GLY A 255 9.75 12.76 6.21
CA GLY A 255 9.31 11.47 5.66
C GLY A 255 8.32 10.81 6.59
N ARG A 256 8.49 9.53 6.86
CA ARG A 256 7.65 8.82 7.83
C ARG A 256 7.90 9.45 9.20
N PRO A 257 6.84 9.62 10.02
CA PRO A 257 6.92 10.44 11.22
C PRO A 257 7.60 9.72 12.39
N LEU A 258 8.26 10.50 13.25
CA LEU A 258 8.70 10.01 14.56
C LEU A 258 7.46 9.65 15.39
N VAL A 259 7.62 8.67 16.24
CA VAL A 259 6.54 8.22 17.15
C VAL A 259 7.14 8.15 18.53
N GLY A 260 6.40 8.63 19.49
CA GLY A 260 6.75 8.48 20.91
C GLY A 260 5.74 7.68 21.64
N SER A 261 6.16 6.89 22.61
CA SER A 261 5.23 6.18 23.52
C SER A 261 5.52 6.56 24.96
N TYR A 262 4.45 6.64 25.73
CA TYR A 262 4.39 7.08 27.12
C TYR A 262 3.82 5.97 27.96
N THR A 263 4.48 5.57 29.01
CA THR A 263 4.00 4.56 29.94
C THR A 263 3.35 5.26 31.13
N PHE A 264 2.05 5.04 31.31
CA PHE A 264 1.20 5.58 32.40
C PHE A 264 1.02 4.48 33.44
N THR A 265 1.27 4.81 34.68
N THR A 265 1.31 4.81 34.70
CA THR A 265 1.16 3.87 35.80
CA THR A 265 1.28 3.89 35.86
C THR A 265 0.37 4.51 36.95
C THR A 265 0.42 4.51 36.98
N GLU A 266 -0.25 3.66 37.77
CA GLU A 266 -1.05 4.06 38.95
C GLU A 266 -0.22 4.89 39.93
N GLY A 267 -0.81 5.97 40.43
CA GLY A 267 -0.24 6.78 41.51
C GLY A 267 0.84 7.76 41.06
N ALA A 268 1.18 7.79 39.76
CA ALA A 268 2.19 8.72 39.21
C ALA A 268 1.47 9.87 38.49
N ASP A 269 2.05 11.08 38.47
CA ASP A 269 1.45 12.22 37.73
C ASP A 269 2.30 12.57 36.51
N ARG A 270 3.41 11.85 36.29
CA ARG A 270 4.22 11.98 35.04
C ARG A 270 4.37 10.56 34.47
N PRO A 271 4.43 10.39 33.13
CA PRO A 271 4.76 9.08 32.55
C PRO A 271 6.09 8.62 33.15
N VAL A 272 6.25 7.30 33.34
CA VAL A 272 7.43 6.67 34.01
C VAL A 272 8.32 5.96 32.99
N GLY A 273 7.93 5.94 31.73
CA GLY A 273 8.68 5.30 30.65
C GLY A 273 8.41 6.03 29.39
N TYR A 274 9.40 6.12 28.54
CA TYR A 274 9.32 6.77 27.22
C TYR A 274 10.08 5.92 26.21
N SER A 275 9.54 5.73 25.02
CA SER A 275 10.26 5.21 23.85
C SER A 275 10.10 6.15 22.67
N ILE A 276 11.14 6.32 21.90
CA ILE A 276 11.16 7.02 20.60
C ILE A 276 11.33 5.95 19.51
N TYR A 277 10.52 6.02 18.48
CA TYR A 277 10.50 5.06 17.36
C TYR A 277 10.84 5.82 16.10
N VAL A 278 12.01 5.57 15.55
CA VAL A 278 12.43 6.17 14.28
C VAL A 278 12.08 5.20 13.16
N PRO A 279 11.29 5.63 12.15
CA PRO A 279 11.00 4.80 10.96
C PRO A 279 12.17 4.92 9.99
N ILE A 280 13.25 4.25 10.36
CA ILE A 280 14.59 4.35 9.74
C ILE A 280 14.51 4.05 8.25
N ARG A 281 13.57 3.17 7.82
CA ARG A 281 13.41 2.80 6.39
C ARG A 281 13.18 4.04 5.53
N SER A 282 12.68 5.11 6.11
CA SER A 282 12.33 6.37 5.36
C SER A 282 13.58 7.25 5.19
N TYR A 283 14.69 6.96 5.87
CA TYR A 283 15.84 7.88 6.02
C TYR A 283 17.15 7.21 5.59
N VAL A 284 17.07 6.12 4.85
CA VAL A 284 18.25 5.37 4.37
C VAL A 284 18.10 5.08 2.86
N THR A 285 19.19 4.69 2.21
CA THR A 285 19.19 4.23 0.81
C THR A 285 18.70 2.78 0.75
N ASP A 286 18.98 1.99 1.78
CA ASP A 286 18.79 0.54 1.76
C ASP A 286 19.02 -0.03 3.16
N ASP A 287 18.78 -1.32 3.31
CA ASP A 287 18.88 -2.05 4.57
C ASP A 287 20.33 -2.25 5.00
N GLN A 288 21.31 -2.19 4.09
CA GLN A 288 22.73 -2.23 4.51
C GLN A 288 23.00 -0.95 5.32
N GLU A 289 22.60 0.18 4.79
CA GLU A 289 22.77 1.45 5.53
C GLU A 289 21.97 1.41 6.84
N ALA A 290 20.73 0.92 6.82
CA ALA A 290 19.94 0.86 8.05
C ALA A 290 20.66 -0.06 9.03
N ARG A 291 21.15 -1.21 8.57
CA ARG A 291 21.78 -2.20 9.49
C ARG A 291 23.01 -1.52 10.13
N ASP A 292 23.77 -0.79 9.34
CA ASP A 292 25.01 -0.10 9.79
C ASP A 292 24.67 0.92 10.87
N ARG A 293 23.57 1.67 10.74
CA ARG A 293 23.18 2.68 11.73
C ARG A 293 22.75 1.99 13.01
N VAL A 294 21.94 0.95 12.90
CA VAL A 294 21.42 0.23 14.08
C VAL A 294 22.58 -0.43 14.80
N ALA A 295 23.51 -1.05 14.06
CA ALA A 295 24.74 -1.61 14.66
C ALA A 295 25.53 -0.54 15.43
N ALA A 296 25.65 0.66 14.89
CA ALA A 296 26.35 1.78 15.59
C ALA A 296 25.63 2.08 16.91
N LEU A 297 24.31 2.07 16.90
CA LEU A 297 23.54 2.38 18.11
C LEU A 297 23.73 1.25 19.11
N LEU A 298 23.62 0.00 18.67
CA LEU A 298 23.81 -1.16 19.59
C LEU A 298 25.22 -1.12 20.21
N VAL A 299 26.25 -0.82 19.40
CA VAL A 299 27.66 -0.76 19.89
C VAL A 299 27.77 0.34 20.96
N ARG A 300 27.22 1.51 20.69
CA ARG A 300 27.24 2.67 21.65
C ARG A 300 26.61 2.23 22.99
N TYR A 301 25.57 1.40 22.97
CA TYR A 301 24.82 0.98 24.16
C TYR A 301 25.41 -0.28 24.80
N GLY A 302 26.56 -0.74 24.29
CA GLY A 302 27.26 -1.91 24.82
C GLY A 302 26.59 -3.20 24.44
N PHE A 303 25.81 -3.23 23.36
CA PHE A 303 25.10 -4.44 22.89
C PHE A 303 25.99 -5.14 21.86
N ASP A 304 25.65 -6.40 21.56
CA ASP A 304 26.37 -7.27 20.59
C ASP A 304 25.64 -7.24 19.23
N THR A 305 26.35 -6.83 18.18
CA THR A 305 25.80 -6.73 16.80
C THR A 305 25.62 -8.13 16.19
N ASP A 306 26.19 -9.18 16.81
N ASP A 306 26.19 -9.19 16.82
CA ASP A 306 25.99 -10.59 16.38
CA ASP A 306 25.99 -10.60 16.41
C ASP A 306 24.50 -10.95 16.45
C ASP A 306 24.50 -10.94 16.45
N GLY A 307 23.80 -10.52 17.51
CA GLY A 307 22.36 -10.81 17.68
C GLY A 307 21.56 -10.17 16.57
N LEU A 308 21.86 -8.91 16.27
CA LEU A 308 21.24 -8.12 15.19
C LEU A 308 21.46 -8.83 13.83
N ASP A 309 22.70 -9.14 13.50
CA ASP A 309 23.03 -9.75 12.20
C ASP A 309 22.40 -11.14 12.09
N ARG A 310 22.33 -11.92 13.17
CA ARG A 310 21.69 -13.25 13.14
C ARG A 310 20.18 -13.07 12.99
N ALA A 311 19.57 -12.08 13.64
CA ALA A 311 18.10 -11.85 13.52
C ALA A 311 17.77 -11.45 12.07
N ILE A 312 18.57 -10.58 11.50
CA ILE A 312 18.38 -10.11 10.10
C ILE A 312 18.42 -11.34 9.19
N ALA A 313 19.47 -12.15 9.31
CA ALA A 313 19.70 -13.33 8.46
C ALA A 313 18.56 -14.34 8.63
N ALA A 314 18.01 -14.46 9.83
CA ALA A 314 16.86 -15.36 10.14
C ALA A 314 15.65 -14.93 9.32
N VAL A 315 15.42 -13.62 9.18
CA VAL A 315 14.23 -13.09 8.49
C VAL A 315 14.42 -13.22 6.97
N THR A 316 15.58 -12.91 6.43
CA THR A 316 15.76 -13.00 4.98
C THR A 316 17.24 -13.17 4.67
N PRO A 317 17.57 -14.00 3.67
CA PRO A 317 18.95 -14.12 3.20
C PRO A 317 19.31 -13.13 2.10
N ARG A 318 18.39 -12.25 1.71
CA ARG A 318 18.62 -11.34 0.56
C ARG A 318 19.76 -10.39 0.88
N PRO A 319 20.49 -9.89 -0.13
CA PRO A 319 21.50 -8.86 0.10
C PRO A 319 20.81 -7.63 0.70
N LEU A 320 21.37 -7.04 1.73
CA LEU A 320 20.72 -5.89 2.41
C LEU A 320 20.68 -4.70 1.45
N ARG A 321 21.69 -4.55 0.60
CA ARG A 321 21.75 -3.48 -0.42
C ARG A 321 20.59 -3.54 -1.41
N ASP A 322 19.96 -4.70 -1.58
CA ASP A 322 19.00 -4.97 -2.69
C ASP A 322 17.60 -4.45 -2.33
N GLY A 323 17.40 -3.83 -1.17
CA GLY A 323 16.11 -3.22 -0.85
C GLY A 323 16.19 -2.34 0.37
N VAL A 324 15.05 -1.84 0.79
CA VAL A 324 14.90 -0.97 1.95
C VAL A 324 13.62 -1.44 2.66
N GLY A 325 13.50 -1.16 3.94
CA GLY A 325 12.27 -1.45 4.72
C GLY A 325 12.29 -2.81 5.43
N LEU A 326 13.32 -3.65 5.24
CA LEU A 326 13.49 -4.83 6.11
C LEU A 326 13.59 -4.33 7.55
N ILE A 327 14.50 -3.39 7.79
CA ILE A 327 14.59 -2.71 9.11
C ILE A 327 13.59 -1.54 9.05
N ALA A 328 12.39 -1.78 9.57
CA ALA A 328 11.25 -0.88 9.38
C ALA A 328 11.35 0.31 10.36
N HIS A 329 11.75 0.03 11.57
CA HIS A 329 11.88 0.98 12.69
C HIS A 329 13.06 0.60 13.56
N VAL A 330 13.57 1.55 14.31
CA VAL A 330 14.45 1.26 15.46
C VAL A 330 14.03 2.18 16.59
N SER A 331 14.03 1.67 17.81
CA SER A 331 13.48 2.40 18.96
C SER A 331 14.44 2.35 20.14
N LEU A 332 14.45 3.43 20.89
CA LEU A 332 15.16 3.55 22.17
C LEU A 332 14.13 3.58 23.29
N ARG A 333 14.32 2.71 24.30
CA ARG A 333 13.43 2.56 25.48
C ARG A 333 14.16 3.14 26.70
N LEU A 334 13.58 4.13 27.37
CA LEU A 334 14.12 4.77 28.61
C LEU A 334 13.15 4.54 29.79
N GLY A 340 16.72 -0.11 26.72
CA GLY A 340 17.39 -0.85 25.63
C GLY A 340 16.97 -0.40 24.23
N VAL A 341 17.32 -1.19 23.22
CA VAL A 341 17.11 -0.83 21.78
C VAL A 341 16.32 -1.94 21.12
N THR A 342 15.31 -1.59 20.33
CA THR A 342 14.46 -2.57 19.60
C THR A 342 14.57 -2.35 18.11
N VAL A 343 14.69 -3.43 17.36
CA VAL A 343 14.83 -3.42 15.89
C VAL A 343 13.60 -4.12 15.35
N TYR A 344 12.91 -3.49 14.41
CA TYR A 344 11.62 -3.97 13.86
C TYR A 344 11.95 -4.51 12.47
N LEU A 345 11.66 -5.78 12.25
CA LEU A 345 12.04 -6.51 11.02
C LEU A 345 10.79 -6.94 10.24
N SER A 346 10.73 -6.54 8.97
CA SER A 346 9.59 -6.80 8.08
C SER A 346 9.63 -8.24 7.53
N ALA A 347 8.48 -8.87 7.45
CA ALA A 347 8.33 -10.20 6.82
C ALA A 347 8.64 -10.13 5.31
N GLU A 348 8.30 -9.04 4.65
CA GLU A 348 8.45 -8.89 3.19
C GLU A 348 7.83 -10.12 2.49
N ALA A 349 6.65 -10.53 2.92
CA ALA A 349 5.93 -11.66 2.31
C ALA A 349 5.44 -11.28 0.91
N TYR A 350 5.20 -10.00 0.64
CA TYR A 350 4.56 -9.54 -0.62
C TYR A 350 5.49 -8.71 -1.48
N ARG A 351 6.33 -7.87 -0.87
CA ARG A 351 7.17 -6.91 -1.61
C ARG A 351 8.46 -6.65 -0.85
N VAL A 352 9.58 -6.57 -1.57
CA VAL A 352 10.84 -5.96 -1.06
C VAL A 352 10.86 -4.57 -1.65
N SER A 353 10.76 -3.51 -0.84
CA SER A 353 10.80 -2.12 -1.36
C SER A 353 12.19 -1.91 -1.96
N PRO A 354 12.28 -1.30 -3.13
CA PRO A 354 13.58 -1.11 -3.77
C PRO A 354 14.47 -0.07 -3.07
N PRO A 355 15.81 -0.17 -3.22
CA PRO A 355 16.73 0.84 -2.70
C PRO A 355 16.37 2.22 -3.25
N ARG A 356 16.69 3.31 -2.54
CA ARG A 356 16.23 4.69 -2.89
C ARG A 356 17.41 5.64 -3.01
N ALA B 2 23.76 -9.75 -29.79
CA ALA B 2 23.80 -9.76 -28.28
C ALA B 2 22.60 -10.53 -27.74
N GLY B 3 22.51 -10.64 -26.41
CA GLY B 3 21.27 -11.07 -25.75
C GLY B 3 20.15 -10.13 -26.12
N LEU B 4 18.91 -10.60 -26.09
CA LEU B 4 17.71 -9.77 -26.34
C LEU B 4 17.67 -8.67 -25.29
N SER B 5 17.39 -7.45 -25.75
CA SER B 5 17.11 -6.28 -24.88
C SER B 5 15.60 -6.16 -24.64
N VAL B 6 15.20 -5.28 -23.72
CA VAL B 6 13.77 -4.95 -23.49
C VAL B 6 13.22 -4.28 -24.74
N SER B 7 13.99 -3.40 -25.35
CA SER B 7 13.61 -2.74 -26.62
C SER B 7 13.34 -3.78 -27.72
N ASP B 8 14.28 -4.73 -27.91
CA ASP B 8 14.12 -5.77 -28.96
C ASP B 8 12.75 -6.39 -28.80
N HIS B 9 12.44 -6.87 -27.59
CA HIS B 9 11.18 -7.58 -27.26
C HIS B 9 10.01 -6.63 -27.52
N LEU B 10 9.98 -5.48 -26.85
CA LEU B 10 8.76 -4.62 -26.85
C LEU B 10 8.54 -3.99 -28.25
N ASP B 11 9.61 -3.62 -28.94
CA ASP B 11 9.50 -2.94 -30.27
C ASP B 11 8.80 -3.88 -31.27
N GLY B 12 9.16 -5.16 -31.27
CA GLY B 12 8.50 -6.18 -32.09
C GLY B 12 7.03 -6.35 -31.74
N GLN B 13 6.71 -6.38 -30.46
CA GLN B 13 5.31 -6.50 -30.01
C GLN B 13 4.53 -5.29 -30.54
N LEU B 14 5.09 -4.07 -30.41
CA LEU B 14 4.36 -2.85 -30.84
C LEU B 14 4.18 -2.83 -32.39
N ALA B 15 5.22 -3.18 -33.15
CA ALA B 15 5.20 -3.20 -34.63
C ALA B 15 4.04 -4.08 -35.12
N ARG B 16 3.94 -5.27 -34.56
CA ARG B 16 2.89 -6.27 -34.92
C ARG B 16 1.52 -5.79 -34.44
N LEU B 17 1.40 -5.20 -33.24
CA LEU B 17 0.10 -4.66 -32.78
C LEU B 17 -0.35 -3.50 -33.71
N CYS B 18 0.59 -2.70 -34.21
CA CYS B 18 0.32 -1.60 -35.18
C CYS B 18 -0.34 -2.18 -36.42
N GLU B 19 0.14 -3.32 -36.89
CA GLU B 19 -0.39 -4.03 -38.08
C GLU B 19 -1.81 -4.48 -37.77
N VAL B 20 -2.04 -5.08 -36.62
CA VAL B 20 -3.38 -5.53 -36.19
C VAL B 20 -4.36 -4.36 -36.24
N ALA B 21 -4.00 -3.21 -35.64
CA ALA B 21 -4.88 -2.02 -35.46
C ALA B 21 -4.98 -1.20 -36.76
N GLY B 22 -3.99 -1.36 -37.65
CA GLY B 22 -3.83 -0.56 -38.87
C GLY B 22 -3.24 0.82 -38.59
N ALA B 23 -2.53 0.98 -37.47
CA ALA B 23 -1.84 2.24 -37.13
C ALA B 23 -0.51 2.28 -37.89
N ASP B 24 -0.09 3.47 -38.34
CA ASP B 24 1.27 3.64 -38.90
C ASP B 24 2.28 3.43 -37.76
N PRO B 25 3.27 2.53 -37.95
CA PRO B 25 4.19 2.15 -36.88
C PRO B 25 5.42 3.03 -36.61
N VAL B 26 5.82 3.92 -37.54
CA VAL B 26 7.12 4.65 -37.41
C VAL B 26 7.11 5.49 -36.11
N GLU B 27 6.17 6.37 -35.94
CA GLU B 27 6.15 7.29 -34.79
C GLU B 27 5.87 6.50 -33.50
N PRO B 28 4.85 5.59 -33.45
CA PRO B 28 4.69 4.73 -32.27
C PRO B 28 6.00 4.06 -31.82
N ARG B 29 6.79 3.50 -32.74
CA ARG B 29 8.05 2.79 -32.37
C ARG B 29 9.08 3.80 -31.85
N ASN B 30 9.13 4.99 -32.43
CA ASN B 30 10.02 6.09 -31.97
C ASN B 30 9.61 6.51 -30.54
N LEU B 31 8.31 6.66 -30.28
CA LEU B 31 7.80 7.10 -28.96
C LEU B 31 8.05 6.00 -27.92
N LEU B 32 7.83 4.72 -28.25
CA LEU B 32 8.16 3.62 -27.29
C LEU B 32 9.66 3.64 -26.89
N ALA B 33 10.56 3.77 -27.85
CA ALA B 33 12.02 3.87 -27.56
C ALA B 33 12.27 5.04 -26.57
N GLY B 34 11.66 6.20 -26.82
CA GLY B 34 11.74 7.39 -25.91
C GLY B 34 11.19 7.08 -24.52
N LEU B 35 10.02 6.45 -24.44
CA LEU B 35 9.39 6.10 -23.14
C LEU B 35 10.29 5.14 -22.37
N LEU B 36 10.88 4.13 -23.01
CA LEU B 36 11.67 3.10 -22.28
C LEU B 36 12.96 3.72 -21.69
N GLY B 37 13.52 4.71 -22.37
CA GLY B 37 14.74 5.40 -21.89
C GLY B 37 15.82 4.37 -21.61
N PRO B 38 16.37 4.28 -20.37
CA PRO B 38 17.53 3.41 -20.12
C PRO B 38 17.20 1.92 -20.09
N VAL B 39 15.92 1.59 -20.00
CA VAL B 39 15.48 0.18 -19.98
C VAL B 39 15.61 -0.40 -21.39
N GLY B 40 15.39 0.41 -22.42
CA GLY B 40 15.37 -0.07 -23.82
C GLY B 40 16.55 -0.99 -24.11
N PRO B 41 17.81 -0.48 -23.99
CA PRO B 41 19.01 -1.27 -24.25
C PRO B 41 19.38 -2.36 -23.23
N ARG B 42 18.71 -2.43 -22.09
CA ARG B 42 19.02 -3.39 -20.99
C ARG B 42 18.72 -4.83 -21.45
N PRO B 43 19.64 -5.79 -21.24
CA PRO B 43 19.37 -7.18 -21.58
C PRO B 43 18.25 -7.80 -20.74
N LEU B 44 17.42 -8.64 -21.37
CA LEU B 44 16.31 -9.39 -20.71
C LEU B 44 16.85 -10.25 -19.57
N TYR B 45 18.09 -10.76 -19.67
CA TYR B 45 18.66 -11.75 -18.73
C TYR B 45 19.08 -11.06 -17.42
N GLU B 46 19.21 -9.73 -17.42
CA GLU B 46 19.47 -8.97 -16.17
C GLU B 46 18.16 -8.80 -15.42
N PRO B 47 18.19 -8.76 -14.07
CA PRO B 47 17.02 -8.40 -13.28
C PRO B 47 16.51 -7.04 -13.74
N PRO B 48 15.18 -6.75 -13.58
CA PRO B 48 14.67 -5.42 -13.85
C PRO B 48 15.50 -4.37 -13.08
N ALA B 49 15.72 -3.20 -13.66
CA ALA B 49 16.47 -2.07 -13.05
C ALA B 49 15.73 -1.56 -11.82
N TRP B 50 14.41 -1.70 -11.82
CA TRP B 50 13.53 -1.13 -10.79
C TRP B 50 12.20 -1.87 -10.84
N PRO B 51 11.56 -2.19 -9.69
CA PRO B 51 10.31 -2.99 -9.70
C PRO B 51 9.08 -2.16 -10.11
N SER B 52 9.00 -1.81 -11.40
CA SER B 52 7.93 -0.96 -11.97
C SER B 52 6.58 -1.57 -11.61
N GLY B 53 5.64 -0.75 -11.14
CA GLY B 53 4.27 -1.17 -10.85
C GLY B 53 3.42 -1.32 -12.11
N VAL B 54 3.95 -0.96 -13.28
CA VAL B 54 3.17 -0.97 -14.56
C VAL B 54 2.68 -2.39 -14.84
N SER B 55 3.50 -3.41 -14.55
CA SER B 55 3.12 -4.81 -14.81
C SER B 55 3.64 -5.71 -13.71
N ASP B 56 3.09 -6.91 -13.61
CA ASP B 56 3.44 -7.86 -12.52
C ASP B 56 4.91 -8.28 -12.64
N ASP B 57 5.46 -8.38 -13.84
CA ASP B 57 6.88 -8.83 -13.98
C ASP B 57 7.81 -7.63 -14.01
N HIS B 58 7.29 -6.42 -13.78
CA HIS B 58 8.08 -5.16 -13.65
C HIS B 58 8.61 -4.65 -14.99
N THR B 59 8.13 -5.18 -16.14
CA THR B 59 8.30 -4.47 -17.43
C THR B 59 7.62 -3.10 -17.30
N PRO B 60 8.29 -1.97 -17.62
CA PRO B 60 7.69 -0.65 -17.40
C PRO B 60 6.72 -0.20 -18.49
N VAL B 61 6.12 -1.17 -19.19
CA VAL B 61 5.13 -0.93 -20.26
C VAL B 61 4.05 -2.02 -20.18
N GLU B 62 2.84 -1.63 -20.49
CA GLU B 62 1.70 -2.54 -20.74
C GLU B 62 1.02 -2.09 -22.01
N PHE B 63 0.63 -3.02 -22.87
CA PHE B 63 -0.11 -2.72 -24.11
C PHE B 63 -1.60 -2.82 -23.86
N SER B 64 -2.39 -2.12 -24.64
CA SER B 64 -3.84 -2.43 -24.70
C SER B 64 -4.40 -2.18 -26.09
N ILE B 65 -5.46 -2.91 -26.43
CA ILE B 65 -6.22 -2.68 -27.67
C ILE B 65 -7.67 -2.49 -27.28
N ALA B 66 -8.19 -1.34 -27.65
CA ALA B 66 -9.56 -0.87 -27.41
C ALA B 66 -10.39 -1.08 -28.66
N PHE B 67 -11.44 -1.86 -28.54
CA PHE B 67 -12.40 -2.11 -29.62
C PHE B 67 -13.54 -1.13 -29.45
N ASN B 68 -13.87 -0.40 -30.52
CA ASN B 68 -14.82 0.73 -30.54
C ASN B 68 -15.88 0.44 -31.62
N GLU B 69 -17.15 0.76 -31.39
CA GLU B 69 -18.22 0.61 -32.41
C GLU B 69 -17.93 1.56 -33.58
N ALA B 70 -17.96 1.05 -34.82
CA ALA B 70 -17.80 1.83 -36.08
C ALA B 70 -16.52 2.71 -36.02
N GLU B 71 -15.38 2.09 -35.71
CA GLU B 71 -14.07 2.74 -35.64
C GLU B 71 -13.00 1.67 -35.46
N PRO B 72 -11.85 1.74 -36.17
CA PRO B 72 -10.78 0.75 -35.99
C PRO B 72 -10.27 0.75 -34.55
N PRO B 73 -9.60 -0.32 -34.12
CA PRO B 73 -9.14 -0.42 -32.74
C PRO B 73 -8.11 0.64 -32.38
N THR B 74 -8.12 1.08 -31.13
CA THR B 74 -7.14 2.03 -30.60
C THR B 74 -6.12 1.23 -29.83
N LEU B 75 -4.84 1.40 -30.17
N LEU B 75 -4.84 1.45 -30.11
CA LEU B 75 -3.69 0.85 -29.42
CA LEU B 75 -3.70 0.78 -29.47
C LEU B 75 -3.26 1.86 -28.39
C LEU B 75 -3.05 1.78 -28.51
N ARG B 76 -2.83 1.38 -27.24
CA ARG B 76 -2.28 2.23 -26.18
C ARG B 76 -1.08 1.54 -25.55
N ILE B 77 -0.13 2.33 -25.08
CA ILE B 77 0.97 1.89 -24.23
C ILE B 77 0.89 2.69 -22.96
N LEU B 78 0.82 2.02 -21.80
CA LEU B 78 0.98 2.62 -20.46
C LEU B 78 2.41 2.35 -20.02
N GLY B 79 3.12 3.34 -19.51
CA GLY B 79 4.45 3.02 -19.02
C GLY B 79 5.15 4.18 -18.34
N GLU B 80 6.40 3.96 -17.99
CA GLU B 80 7.23 4.99 -17.38
C GLU B 80 8.65 4.89 -17.89
N THR B 81 9.33 6.01 -17.81
CA THR B 81 10.77 6.17 -18.09
C THR B 81 11.53 6.10 -16.75
N LEU B 82 12.34 5.06 -16.51
CA LEU B 82 13.14 4.98 -15.27
C LEU B 82 14.23 6.07 -15.31
N GLY B 83 14.54 6.63 -14.14
CA GLY B 83 15.66 7.57 -13.95
C GLY B 83 16.98 6.84 -13.83
N SER B 84 18.08 7.57 -13.62
CA SER B 84 19.41 6.94 -13.45
C SER B 84 20.24 7.51 -12.30
N PRO B 85 19.95 7.10 -11.06
CA PRO B 85 19.68 5.72 -10.75
C PRO B 85 18.14 5.75 -10.64
N PRO B 86 17.42 4.64 -10.88
CA PRO B 86 15.95 4.68 -10.76
C PRO B 86 15.46 4.89 -9.31
N GLY B 87 14.30 5.51 -9.18
CA GLY B 87 13.59 5.83 -7.93
C GLY B 87 12.38 6.69 -8.27
N PRO B 88 11.38 6.86 -7.37
CA PRO B 88 10.14 7.53 -7.78
C PRO B 88 10.40 8.95 -8.28
N LEU B 89 11.25 9.70 -7.61
CA LEU B 89 11.59 11.09 -8.02
C LEU B 89 12.37 11.07 -9.35
N ALA B 90 13.40 10.25 -9.46
CA ALA B 90 14.23 10.12 -10.68
C ALA B 90 13.37 9.64 -11.86
N ASN B 91 12.42 8.70 -11.59
CA ASN B 91 11.47 8.17 -12.60
C ASN B 91 10.54 9.30 -13.04
N LEU B 92 10.05 10.08 -12.07
CA LEU B 92 9.25 11.32 -12.34
C LEU B 92 10.01 12.23 -13.30
N SER B 93 11.28 12.56 -13.02
CA SER B 93 12.08 13.48 -13.86
C SER B 93 12.20 12.96 -15.30
N ALA B 94 12.55 11.68 -15.48
CA ALA B 94 12.76 11.04 -16.80
C ALA B 94 11.43 10.99 -17.58
N THR B 95 10.36 10.56 -16.93
CA THR B 95 9.01 10.45 -17.56
C THR B 95 8.51 11.85 -17.94
N ARG B 96 8.59 12.79 -17.02
CA ARG B 96 8.20 14.20 -17.30
C ARG B 96 9.07 14.76 -18.44
N GLY B 97 10.36 14.46 -18.41
CA GLY B 97 11.33 14.95 -19.40
C GLY B 97 10.93 14.47 -20.78
N PHE B 98 10.55 13.18 -20.90
CA PHE B 98 10.11 12.56 -22.16
C PHE B 98 8.89 13.33 -22.65
N LEU B 99 7.88 13.50 -21.77
CA LEU B 99 6.58 14.14 -22.15
C LEU B 99 6.80 15.60 -22.55
N ASP B 100 7.62 16.33 -21.79
CA ASP B 100 7.89 17.77 -22.05
C ASP B 100 8.55 17.92 -23.42
N ALA B 101 9.50 17.04 -23.77
CA ALA B 101 10.18 17.12 -25.09
C ALA B 101 9.18 16.88 -26.20
N GLN B 102 8.23 15.93 -26.02
CA GLN B 102 7.24 15.59 -27.08
C GLN B 102 6.27 16.77 -27.25
N ALA B 103 5.86 17.38 -26.13
CA ALA B 103 5.00 18.59 -26.13
C ALA B 103 5.69 19.69 -26.89
N ARG B 104 6.98 19.93 -26.64
CA ARG B 104 7.72 20.99 -27.36
C ARG B 104 7.75 20.65 -28.86
N ARG B 105 8.09 19.42 -29.20
CA ARG B 105 8.23 18.97 -30.60
C ARG B 105 6.87 19.18 -31.32
N ALA B 106 5.78 18.66 -30.75
CA ALA B 106 4.44 18.61 -31.39
C ALA B 106 3.69 19.93 -31.21
N GLY B 107 4.28 20.91 -30.48
CA GLY B 107 3.72 22.25 -30.23
C GLY B 107 2.47 22.21 -29.32
N LEU B 108 2.44 21.34 -28.31
CA LEU B 108 1.30 21.26 -27.37
C LEU B 108 1.46 22.35 -26.29
N SER B 109 0.35 22.87 -25.78
CA SER B 109 0.26 23.66 -24.52
C SER B 109 0.04 22.68 -23.36
N THR B 110 0.76 22.82 -22.24
CA THR B 110 0.64 21.90 -21.05
C THR B 110 0.26 22.71 -19.79
N SER B 111 -0.45 23.83 -19.97
CA SER B 111 -0.76 24.80 -18.88
C SER B 111 -1.75 24.19 -17.85
N ARG B 112 -2.74 23.41 -18.29
CA ARG B 112 -3.69 22.77 -17.32
C ARG B 112 -2.94 21.81 -16.43
N LEU B 113 -2.10 20.97 -17.03
CA LEU B 113 -1.30 19.95 -16.31
C LEU B 113 -0.29 20.66 -15.39
N ASP B 114 0.38 21.69 -15.92
CA ASP B 114 1.34 22.52 -15.16
C ASP B 114 0.62 23.18 -13.96
N SER B 115 -0.65 23.56 -14.09
CA SER B 115 -1.41 24.34 -13.07
C SER B 115 -1.66 23.51 -11.79
N VAL B 116 -1.50 22.18 -11.82
CA VAL B 116 -1.78 21.32 -10.64
C VAL B 116 -0.48 20.65 -10.16
N ARG B 117 0.68 20.98 -10.74
CA ARG B 117 1.97 20.31 -10.44
C ARG B 117 2.34 20.50 -8.97
N ASP B 118 2.31 21.75 -8.49
CA ASP B 118 2.68 22.13 -7.10
C ASP B 118 1.93 21.24 -6.10
N LEU B 119 0.68 20.85 -6.43
CA LEU B 119 -0.21 20.05 -5.57
C LEU B 119 0.32 18.63 -5.42
N PHE B 120 0.86 18.07 -6.51
CA PHE B 120 1.42 16.69 -6.55
C PHE B 120 2.90 16.69 -6.17
N ALA B 121 3.58 17.84 -6.35
CA ALA B 121 5.02 18.03 -6.12
C ALA B 121 5.37 17.66 -4.67
N THR B 122 6.27 16.70 -4.50
CA THR B 122 6.88 16.32 -3.20
C THR B 122 8.28 15.81 -3.46
N ASP B 123 9.21 16.11 -2.56
CA ASP B 123 10.63 15.65 -2.66
C ASP B 123 10.69 14.18 -2.22
N ASP B 124 9.65 13.70 -1.54
CA ASP B 124 9.55 12.33 -0.96
C ASP B 124 8.30 11.63 -1.49
N PRO B 125 8.23 11.30 -2.79
CA PRO B 125 7.04 10.64 -3.34
C PRO B 125 6.82 9.24 -2.71
N GLN B 126 5.58 8.98 -2.27
CA GLN B 126 5.11 7.71 -1.64
C GLN B 126 4.54 6.80 -2.71
N GLY B 127 4.54 5.51 -2.44
CA GLY B 127 4.10 4.49 -3.42
C GLY B 127 5.19 4.28 -4.45
N ASP B 128 4.89 3.59 -5.53
CA ASP B 128 5.99 3.20 -6.46
C ASP B 128 5.98 4.10 -7.69
N PHE B 129 5.29 5.23 -7.67
CA PHE B 129 5.29 6.16 -8.83
C PHE B 129 4.69 7.51 -8.45
N ALA B 130 5.05 8.53 -9.23
CA ALA B 130 4.46 9.86 -9.21
C ALA B 130 3.76 10.12 -10.54
N MET B 131 4.33 9.68 -11.64
CA MET B 131 3.80 10.02 -12.98
C MET B 131 4.06 8.87 -13.93
N TRP B 132 2.97 8.31 -14.49
CA TRP B 132 3.06 7.42 -15.65
C TRP B 132 2.55 8.14 -16.86
N CYS B 133 2.72 7.50 -17.97
CA CYS B 133 2.52 8.01 -19.31
C CYS B 133 1.61 7.03 -20.08
N SER B 134 0.59 7.50 -20.80
CA SER B 134 -0.12 6.69 -21.82
C SER B 134 0.09 7.27 -23.23
N LEU B 135 0.52 6.44 -24.18
CA LEU B 135 0.65 6.77 -25.63
C LEU B 135 -0.56 6.16 -26.35
N VAL B 136 -1.31 6.96 -27.11
CA VAL B 136 -2.58 6.49 -27.74
C VAL B 136 -2.41 6.57 -29.27
N PHE B 137 -2.57 5.43 -29.96
CA PHE B 137 -2.30 5.28 -31.43
C PHE B 137 -3.55 4.82 -32.19
N ARG B 138 -3.79 5.44 -33.33
CA ARG B 138 -4.97 5.20 -34.19
C ARG B 138 -4.55 5.23 -35.66
N SER B 139 -5.28 4.49 -36.50
CA SER B 139 -5.39 4.77 -37.96
C SER B 139 -5.93 6.19 -38.11
N SER B 140 -5.33 6.98 -39.00
CA SER B 140 -5.85 8.30 -39.42
C SER B 140 -5.80 9.34 -38.29
N ARG B 141 -5.01 9.12 -37.22
CA ARG B 141 -4.70 10.17 -36.22
C ARG B 141 -3.23 10.07 -35.77
N ARG B 142 -2.61 11.22 -35.48
CA ARG B 142 -1.23 11.25 -34.92
C ARG B 142 -1.34 10.86 -33.45
N PRO B 143 -0.23 10.35 -32.85
CA PRO B 143 -0.25 9.94 -31.44
C PRO B 143 -0.76 11.02 -30.47
N GLU B 144 -1.50 10.58 -29.45
CA GLU B 144 -1.95 11.40 -28.31
C GLU B 144 -1.22 10.97 -27.05
N PHE B 145 -0.97 11.91 -26.15
CA PHE B 145 -0.28 11.67 -24.88
C PHE B 145 -1.26 11.89 -23.74
N LYS B 146 -1.27 11.00 -22.77
CA LYS B 146 -1.99 11.19 -21.50
C LYS B 146 -1.02 11.01 -20.35
N VAL B 147 -1.27 11.72 -19.25
CA VAL B 147 -0.41 11.73 -18.07
C VAL B 147 -1.20 11.17 -16.90
N TYR B 148 -0.63 10.20 -16.20
CA TYR B 148 -1.23 9.47 -15.06
C TYR B 148 -0.46 9.84 -13.79
N LEU B 149 -1.07 10.64 -12.92
CA LEU B 149 -0.48 11.11 -11.67
C LEU B 149 -0.96 10.22 -10.52
N ASN B 150 -0.11 10.01 -9.52
CA ASN B 150 -0.43 9.23 -8.30
C ASN B 150 -1.09 10.14 -7.26
N PRO B 151 -2.41 9.98 -7.02
CA PRO B 151 -3.08 10.74 -5.97
C PRO B 151 -2.57 10.47 -4.55
N GLU B 152 -1.92 9.32 -4.33
CA GLU B 152 -1.38 8.87 -3.03
C GLU B 152 0.10 9.22 -2.88
N VAL B 153 0.62 10.08 -3.73
CA VAL B 153 2.08 10.41 -3.83
C VAL B 153 2.55 11.13 -2.55
N LYS B 154 1.66 11.82 -1.84
CA LYS B 154 1.99 12.47 -0.54
C LYS B 154 1.45 11.61 0.60
N GLY B 155 1.09 10.34 0.33
CA GLY B 155 0.47 9.44 1.31
C GLY B 155 -1.02 9.23 1.05
N VAL B 156 -1.55 8.12 1.52
CA VAL B 156 -2.95 7.66 1.31
C VAL B 156 -3.87 8.63 2.03
N GLU B 157 -3.52 9.00 3.27
CA GLU B 157 -4.40 9.85 4.11
C GLU B 157 -4.60 11.22 3.44
N ARG B 158 -3.60 11.75 2.73
CA ARG B 158 -3.66 13.10 2.08
C ARG B 158 -4.30 13.04 0.70
N SER B 159 -4.59 11.85 0.17
CA SER B 159 -5.06 11.71 -1.25
C SER B 159 -6.41 12.41 -1.47
N PRO B 160 -7.43 12.30 -0.57
CA PRO B 160 -8.71 12.96 -0.82
C PRO B 160 -8.52 14.47 -1.00
N ALA B 161 -7.72 15.09 -0.12
CA ALA B 161 -7.48 16.55 -0.12
C ALA B 161 -6.72 16.94 -1.39
N LEU B 162 -5.71 16.14 -1.77
CA LEU B 162 -4.89 16.38 -2.99
C LEU B 162 -5.83 16.44 -4.20
N VAL B 163 -6.68 15.41 -4.35
CA VAL B 163 -7.56 15.28 -5.54
C VAL B 163 -8.63 16.38 -5.49
N SER B 164 -9.23 16.61 -4.34
CA SER B 164 -10.26 17.67 -4.16
C SER B 164 -9.69 19.02 -4.61
N GLU B 165 -8.48 19.34 -4.17
CA GLU B 165 -7.85 20.62 -4.47
C GLU B 165 -7.49 20.68 -5.96
N ALA B 166 -6.96 19.59 -6.55
CA ALA B 166 -6.59 19.59 -7.99
C ALA B 166 -7.84 19.78 -8.88
N LEU B 167 -8.93 19.07 -8.59
CA LEU B 167 -10.17 19.18 -9.41
C LEU B 167 -10.77 20.58 -9.24
N HIS B 168 -10.73 21.15 -8.04
CA HIS B 168 -11.22 22.54 -7.78
C HIS B 168 -10.46 23.54 -8.68
N ARG B 169 -9.14 23.45 -8.70
CA ARG B 169 -8.26 24.33 -9.50
C ARG B 169 -8.64 24.26 -10.98
N LEU B 170 -8.98 23.08 -11.49
CA LEU B 170 -9.23 22.88 -12.94
C LEU B 170 -10.63 23.31 -13.29
N GLY B 171 -11.46 23.56 -12.28
CA GLY B 171 -12.85 24.00 -12.42
C GLY B 171 -13.81 22.84 -12.41
N LEU B 172 -13.42 21.70 -11.82
CA LEU B 172 -14.21 20.43 -11.85
C LEU B 172 -14.68 20.00 -10.45
N GLY B 173 -14.72 20.89 -9.47
CA GLY B 173 -15.08 20.55 -8.07
C GLY B 173 -16.46 19.91 -7.94
N ALA B 174 -17.50 20.53 -8.51
CA ALA B 174 -18.92 20.08 -8.35
C ALA B 174 -19.08 18.64 -8.81
N SER B 175 -18.54 18.28 -9.98
CA SER B 175 -18.72 16.92 -10.54
C SER B 175 -18.01 15.90 -9.64
N TYR B 176 -16.90 16.27 -9.00
CA TYR B 176 -16.15 15.38 -8.08
C TYR B 176 -16.91 15.22 -6.76
N ARG B 177 -17.59 16.25 -6.31
CA ARG B 177 -18.27 16.22 -4.99
C ARG B 177 -19.45 15.23 -5.06
N ALA B 178 -20.10 15.11 -6.22
CA ALA B 178 -21.13 14.07 -6.50
C ALA B 178 -20.55 12.68 -6.21
N LEU B 179 -19.29 12.43 -6.61
CA LEU B 179 -18.65 11.11 -6.36
C LEU B 179 -18.34 10.96 -4.86
N LEU B 180 -17.72 11.99 -4.22
CA LEU B 180 -17.35 11.98 -2.76
C LEU B 180 -18.60 11.65 -1.91
N ASP B 181 -19.66 12.41 -2.17
CA ASP B 181 -20.87 12.49 -1.31
C ASP B 181 -21.86 11.38 -1.63
N HIS B 182 -21.92 10.94 -2.90
CA HIS B 182 -22.98 9.98 -3.36
C HIS B 182 -22.42 8.73 -4.06
N GLY B 183 -21.10 8.63 -4.32
CA GLY B 183 -20.53 7.50 -5.10
C GLY B 183 -19.48 6.73 -4.35
N VAL B 184 -19.06 7.19 -3.19
CA VAL B 184 -17.99 6.50 -2.44
C VAL B 184 -18.64 5.85 -1.24
N ARG B 185 -18.53 4.53 -1.19
CA ARG B 185 -18.84 3.72 0.00
C ARG B 185 -18.60 4.59 1.22
N PRO B 186 -19.62 4.91 2.03
CA PRO B 186 -19.41 5.83 3.17
C PRO B 186 -18.29 5.32 4.11
N GLY B 187 -17.48 6.24 4.64
CA GLY B 187 -16.28 5.98 5.46
C GLY B 187 -15.12 5.30 4.70
N GLU B 188 -15.20 5.07 3.39
CA GLU B 188 -14.24 4.12 2.73
C GLU B 188 -13.20 4.85 1.87
N LEU B 189 -13.25 6.18 1.70
CA LEU B 189 -12.26 6.87 0.84
C LEU B 189 -10.91 6.90 1.53
N GLY B 190 -9.88 6.37 0.86
CA GLY B 190 -8.55 6.18 1.43
C GLY B 190 -8.47 4.88 2.22
N ARG B 191 -9.52 4.04 2.18
CA ARG B 191 -9.48 2.72 2.85
C ARG B 191 -9.90 1.66 1.84
N GLY B 192 -11.13 1.18 1.86
CA GLY B 192 -11.62 0.22 0.86
C GLY B 192 -11.59 0.81 -0.56
N ASP B 193 -11.89 2.11 -0.70
CA ASP B 193 -11.90 2.82 -1.99
C ASP B 193 -10.70 3.77 -2.08
N ARG B 194 -9.76 3.43 -2.96
CA ARG B 194 -8.45 4.12 -3.03
C ARG B 194 -8.40 4.97 -4.32
N LEU B 195 -7.87 6.18 -4.22
CA LEU B 195 -7.65 7.08 -5.39
C LEU B 195 -6.33 6.66 -6.02
N THR B 196 -6.40 5.97 -7.17
CA THR B 196 -5.27 5.23 -7.75
C THR B 196 -4.57 6.04 -8.85
N PHE B 197 -5.32 6.64 -9.74
CA PHE B 197 -4.78 7.44 -10.87
C PHE B 197 -5.59 8.69 -11.04
N PHE B 198 -4.89 9.78 -11.31
CA PHE B 198 -5.46 11.06 -11.75
C PHE B 198 -4.94 11.33 -13.16
N ALA B 199 -5.78 11.19 -14.20
CA ALA B 199 -5.30 11.14 -15.60
C ALA B 199 -5.84 12.33 -16.39
N VAL B 200 -4.94 13.04 -17.05
CA VAL B 200 -5.29 14.19 -17.92
C VAL B 200 -4.53 14.05 -19.25
N ASP B 201 -5.09 14.65 -20.31
CA ASP B 201 -4.36 14.85 -21.59
C ASP B 201 -3.12 15.69 -21.31
N LEU B 202 -2.03 15.41 -22.00
CA LEU B 202 -0.82 16.27 -21.99
C LEU B 202 -1.20 17.66 -22.53
N HIS B 203 -1.94 17.67 -23.64
CA HIS B 203 -2.29 18.90 -24.40
C HIS B 203 -3.50 19.55 -23.74
N ASP B 204 -3.46 20.86 -23.52
CA ASP B 204 -4.65 21.65 -23.09
C ASP B 204 -5.73 21.46 -24.14
N GLY B 205 -6.86 20.89 -23.78
CA GLY B 205 -8.02 20.76 -24.68
C GLY B 205 -8.87 22.02 -24.59
N PRO B 206 -9.98 22.10 -25.35
CA PRO B 206 -10.90 23.24 -25.20
C PRO B 206 -11.41 23.38 -23.75
N GLN B 207 -11.63 22.26 -23.06
CA GLN B 207 -12.20 22.22 -21.70
C GLN B 207 -11.33 21.32 -20.82
N ALA B 208 -11.30 21.59 -19.52
CA ALA B 208 -10.64 20.74 -18.51
C ALA B 208 -11.35 19.39 -18.53
N ARG B 209 -10.59 18.32 -18.37
CA ARG B 209 -11.11 16.94 -18.40
C ARG B 209 -10.17 16.10 -17.55
N VAL B 210 -10.71 15.34 -16.62
CA VAL B 210 -9.90 14.46 -15.75
C VAL B 210 -10.55 13.09 -15.72
N LYS B 211 -9.72 12.06 -15.74
CA LYS B 211 -10.21 10.69 -15.54
C LYS B 211 -9.63 10.17 -14.22
N LEU B 212 -10.48 9.87 -13.26
CA LEU B 212 -10.06 9.48 -11.90
C LEU B 212 -10.35 8.02 -11.73
N TYR B 213 -9.36 7.24 -11.30
CA TYR B 213 -9.51 5.79 -11.12
C TYR B 213 -9.60 5.47 -9.63
N LEU B 214 -10.60 4.70 -9.24
CA LEU B 214 -10.78 4.23 -7.84
C LEU B 214 -10.57 2.74 -7.79
N THR B 215 -9.78 2.26 -6.85
CA THR B 215 -9.56 0.82 -6.63
C THR B 215 -10.47 0.39 -5.49
N HIS B 216 -11.27 -0.63 -5.70
CA HIS B 216 -12.22 -1.16 -4.70
C HIS B 216 -11.67 -2.48 -4.14
N HIS B 217 -10.99 -2.41 -3.00
CA HIS B 217 -10.40 -3.57 -2.28
C HIS B 217 -11.49 -4.49 -1.72
N GLU B 218 -11.38 -5.79 -2.01
CA GLU B 218 -12.22 -6.84 -1.38
C GLU B 218 -13.70 -6.47 -1.55
N ALA B 219 -14.13 -6.20 -2.78
CA ALA B 219 -15.43 -5.55 -3.04
C ALA B 219 -16.47 -6.53 -3.63
N GLU B 220 -17.73 -6.32 -3.26
CA GLU B 220 -18.91 -6.96 -3.88
C GLU B 220 -19.31 -6.12 -5.09
N VAL B 221 -19.65 -6.76 -6.21
CA VAL B 221 -20.03 -6.06 -7.46
CA VAL B 221 -20.01 -6.04 -7.46
C VAL B 221 -21.23 -5.15 -7.16
N TRP B 222 -22.03 -5.50 -6.18
CA TRP B 222 -23.20 -4.67 -5.75
C TRP B 222 -22.72 -3.27 -5.40
N ASP B 223 -21.65 -3.17 -4.63
CA ASP B 223 -21.11 -1.87 -4.13
C ASP B 223 -20.34 -1.14 -5.24
N VAL B 224 -19.62 -1.87 -6.11
CA VAL B 224 -18.90 -1.26 -7.23
C VAL B 224 -19.92 -0.65 -8.22
N THR B 225 -21.04 -1.32 -8.48
CA THR B 225 -22.07 -0.79 -9.40
C THR B 225 -22.86 0.34 -8.74
N ARG B 226 -22.98 0.36 -7.43
CA ARG B 226 -23.58 1.51 -6.73
C ARG B 226 -22.68 2.73 -6.91
N ALA B 227 -21.38 2.57 -6.80
CA ALA B 227 -20.39 3.65 -7.06
C ALA B 227 -20.58 4.14 -8.50
N ALA B 228 -20.79 3.25 -9.44
CA ALA B 228 -20.91 3.59 -10.88
C ALA B 228 -22.17 4.41 -11.15
N SER B 229 -23.22 4.20 -10.37
CA SER B 229 -24.59 4.73 -10.61
CA SER B 229 -24.58 4.73 -10.67
C SER B 229 -24.63 6.25 -10.48
N VAL B 230 -23.58 6.88 -9.94
CA VAL B 230 -23.51 8.37 -9.91
C VAL B 230 -23.33 8.88 -11.36
N VAL B 231 -22.88 8.05 -12.31
CA VAL B 231 -22.77 8.48 -13.74
C VAL B 231 -24.12 8.25 -14.46
N ASP B 232 -24.63 9.27 -15.17
CA ASP B 232 -25.92 9.18 -15.88
C ASP B 232 -25.81 8.14 -16.99
N GLY B 233 -26.86 7.34 -17.13
CA GLY B 233 -27.01 6.40 -18.24
C GLY B 233 -26.01 5.29 -18.17
N VAL B 234 -25.46 4.99 -16.99
CA VAL B 234 -24.71 3.73 -16.74
C VAL B 234 -25.75 2.68 -16.35
N ASP B 235 -25.68 1.50 -16.93
CA ASP B 235 -26.64 0.41 -16.64
C ASP B 235 -25.97 -0.55 -15.67
N VAL B 236 -26.43 -0.60 -14.42
CA VAL B 236 -25.76 -1.39 -13.35
C VAL B 236 -25.86 -2.89 -13.69
N ALA B 237 -26.96 -3.35 -14.31
CA ALA B 237 -27.12 -4.77 -14.68
C ALA B 237 -26.03 -5.17 -15.69
N GLU B 238 -25.80 -4.33 -16.70
CA GLU B 238 -24.75 -4.51 -17.72
C GLU B 238 -23.39 -4.64 -17.04
N ILE B 239 -23.03 -3.75 -16.10
CA ILE B 239 -21.69 -3.81 -15.42
C ILE B 239 -21.60 -5.13 -14.65
N GLU B 240 -22.68 -5.52 -13.95
CA GLU B 240 -22.67 -6.81 -13.19
C GLU B 240 -22.46 -7.99 -14.13
N GLU B 241 -23.14 -8.01 -15.28
CA GLU B 241 -23.02 -9.11 -16.27
C GLU B 241 -21.57 -9.15 -16.76
N PHE B 242 -20.97 -7.98 -17.01
CA PHE B 242 -19.57 -7.90 -17.51
C PHE B 242 -18.64 -8.54 -16.49
N CYS B 243 -18.80 -8.18 -15.24
CA CYS B 243 -17.94 -8.61 -14.12
C CYS B 243 -18.10 -10.09 -13.89
N VAL B 244 -19.34 -10.59 -13.88
CA VAL B 244 -19.64 -12.00 -13.58
C VAL B 244 -19.12 -12.89 -14.71
N VAL B 245 -19.20 -12.47 -15.98
CA VAL B 245 -18.53 -13.20 -17.11
C VAL B 245 -17.00 -13.13 -16.93
N ALA B 246 -16.42 -11.93 -16.73
CA ALA B 246 -14.95 -11.79 -16.65
C ALA B 246 -14.41 -12.61 -15.47
N GLY B 247 -15.09 -12.61 -14.34
CA GLY B 247 -14.64 -13.27 -13.09
C GLY B 247 -15.09 -14.70 -12.99
N GLY B 248 -15.85 -15.22 -13.97
CA GLY B 248 -16.21 -16.66 -14.00
C GLY B 248 -17.27 -17.01 -12.98
N GLY B 249 -18.11 -16.06 -12.57
CA GLY B 249 -19.27 -16.31 -11.68
C GLY B 249 -19.15 -15.69 -10.29
N THR B 250 -17.98 -15.27 -9.85
CA THR B 250 -17.84 -14.63 -8.51
C THR B 250 -18.49 -13.23 -8.51
N ARG B 251 -19.13 -12.86 -7.40
CA ARG B 251 -19.70 -11.51 -7.17
C ARG B 251 -18.76 -10.75 -6.24
N ARG B 252 -17.86 -11.46 -5.55
CA ARG B 252 -16.86 -10.90 -4.60
C ARG B 252 -15.49 -10.95 -5.25
N PHE B 253 -14.83 -9.82 -5.39
CA PHE B 253 -13.51 -9.72 -6.05
C PHE B 253 -12.43 -9.56 -4.97
N ASP B 254 -12.06 -10.68 -4.35
CA ASP B 254 -11.18 -10.72 -3.14
C ASP B 254 -9.76 -11.15 -3.52
N GLY B 255 -9.50 -11.36 -4.82
CA GLY B 255 -8.13 -11.39 -5.37
C GLY B 255 -7.73 -9.99 -5.76
N ARG B 256 -7.22 -9.80 -6.97
CA ARG B 256 -6.89 -8.44 -7.47
C ARG B 256 -8.20 -7.67 -7.55
N PRO B 257 -8.16 -6.37 -7.20
CA PRO B 257 -9.37 -5.60 -7.04
C PRO B 257 -9.99 -5.06 -8.34
N LEU B 258 -11.31 -4.95 -8.34
CA LEU B 258 -12.04 -4.17 -9.35
C LEU B 258 -11.60 -2.71 -9.25
N VAL B 259 -11.51 -2.07 -10.39
CA VAL B 259 -11.22 -0.64 -10.51
C VAL B 259 -12.29 0.01 -11.35
N GLY B 260 -12.77 1.16 -10.94
CA GLY B 260 -13.64 2.03 -11.75
C GLY B 260 -12.97 3.33 -12.08
N SER B 261 -13.23 3.86 -13.26
CA SER B 261 -12.74 5.19 -13.67
C SER B 261 -13.94 6.07 -14.00
N TYR B 262 -13.81 7.34 -13.69
CA TYR B 262 -14.86 8.38 -13.77
C TYR B 262 -14.28 9.55 -14.56
N THR B 263 -14.98 9.99 -15.59
CA THR B 263 -14.55 11.13 -16.43
C THR B 263 -15.28 12.39 -15.98
N PHE B 264 -14.52 13.41 -15.59
CA PHE B 264 -15.02 14.73 -15.13
C PHE B 264 -14.82 15.74 -16.26
N THR B 265 -15.88 16.46 -16.61
CA THR B 265 -15.85 17.48 -17.68
C THR B 265 -16.50 18.77 -17.16
N GLU B 266 -16.12 19.90 -17.75
CA GLU B 266 -16.65 21.23 -17.41
C GLU B 266 -18.16 21.24 -17.61
N GLY B 267 -18.88 21.93 -16.74
CA GLY B 267 -20.32 22.19 -16.93
C GLY B 267 -21.23 21.13 -16.33
N ALA B 268 -20.77 19.87 -16.19
CA ALA B 268 -21.59 18.75 -15.71
C ALA B 268 -21.47 18.66 -14.19
N ASP B 269 -22.54 18.22 -13.53
CA ASP B 269 -22.60 18.15 -12.05
C ASP B 269 -22.22 16.76 -11.55
N ARG B 270 -21.82 15.88 -12.46
CA ARG B 270 -21.39 14.50 -12.10
C ARG B 270 -20.52 13.96 -13.21
N PRO B 271 -19.79 12.85 -12.95
CA PRO B 271 -18.94 12.25 -13.98
C PRO B 271 -19.77 11.83 -15.21
N VAL B 272 -19.21 11.99 -16.41
CA VAL B 272 -19.95 11.73 -17.70
C VAL B 272 -19.52 10.42 -18.34
N GLY B 273 -18.42 9.82 -17.89
CA GLY B 273 -17.98 8.55 -18.47
C GLY B 273 -17.62 7.64 -17.35
N TYR B 274 -17.85 6.35 -17.53
CA TYR B 274 -17.48 5.30 -16.55
C TYR B 274 -16.87 4.16 -17.29
N SER B 275 -15.82 3.58 -16.70
CA SER B 275 -15.22 2.31 -17.16
C SER B 275 -15.02 1.42 -15.94
N ILE B 276 -15.24 0.12 -16.12
CA ILE B 276 -14.94 -0.90 -15.09
C ILE B 276 -13.78 -1.75 -15.61
N TYR B 277 -12.76 -1.96 -14.79
CA TYR B 277 -11.55 -2.71 -15.14
C TYR B 277 -11.51 -3.95 -14.26
N VAL B 278 -11.64 -5.12 -14.88
CA VAL B 278 -11.53 -6.41 -14.17
C VAL B 278 -10.11 -6.94 -14.35
N PRO B 279 -9.34 -7.20 -13.26
CA PRO B 279 -8.00 -7.80 -13.35
C PRO B 279 -8.13 -9.33 -13.53
N ILE B 280 -8.55 -9.69 -14.71
CA ILE B 280 -9.06 -11.04 -15.07
C ILE B 280 -7.97 -12.09 -14.79
N ARG B 281 -6.67 -11.73 -14.88
CA ARG B 281 -5.55 -12.68 -14.58
C ARG B 281 -5.67 -13.29 -13.17
N SER B 282 -6.33 -12.61 -12.24
CA SER B 282 -6.51 -13.06 -10.83
C SER B 282 -7.66 -14.09 -10.73
N TYR B 283 -8.51 -14.23 -11.75
CA TYR B 283 -9.78 -15.03 -11.64
C TYR B 283 -9.82 -16.16 -12.66
N VAL B 284 -8.68 -16.52 -13.21
CA VAL B 284 -8.58 -17.62 -14.23
C VAL B 284 -7.43 -18.55 -13.82
N THR B 285 -7.41 -19.74 -14.41
CA THR B 285 -6.31 -20.71 -14.25
C THR B 285 -5.15 -20.32 -15.17
N ASP B 286 -5.45 -19.74 -16.33
CA ASP B 286 -4.46 -19.47 -17.40
C ASP B 286 -5.06 -18.59 -18.49
N ASP B 287 -4.24 -18.20 -19.44
CA ASP B 287 -4.63 -17.23 -20.50
C ASP B 287 -5.56 -17.89 -21.52
N GLN B 288 -5.61 -19.21 -21.59
CA GLN B 288 -6.61 -19.85 -22.49
C GLN B 288 -8.00 -19.51 -21.96
N GLU B 289 -8.18 -19.67 -20.65
CA GLU B 289 -9.44 -19.35 -19.98
C GLU B 289 -9.71 -17.85 -20.08
N ALA B 290 -8.71 -17.00 -19.83
CA ALA B 290 -8.90 -15.56 -19.91
C ALA B 290 -9.30 -15.20 -21.34
N ARG B 291 -8.62 -15.76 -22.34
CA ARG B 291 -8.92 -15.45 -23.76
C ARG B 291 -10.37 -15.87 -24.05
N ASP B 292 -10.80 -17.00 -23.55
CA ASP B 292 -12.17 -17.52 -23.85
C ASP B 292 -13.22 -16.58 -23.22
N ARG B 293 -12.97 -16.07 -22.01
CA ARG B 293 -13.91 -15.14 -21.33
C ARG B 293 -13.93 -13.82 -22.09
N VAL B 294 -12.77 -13.29 -22.46
CA VAL B 294 -12.72 -11.98 -23.18
C VAL B 294 -13.38 -12.14 -24.56
N ALA B 295 -13.16 -13.28 -25.22
CA ALA B 295 -13.78 -13.60 -26.51
C ALA B 295 -15.31 -13.61 -26.34
N ALA B 296 -15.83 -14.18 -25.27
CA ALA B 296 -17.30 -14.21 -24.99
C ALA B 296 -17.80 -12.76 -24.88
N LEU B 297 -17.05 -11.90 -24.20
CA LEU B 297 -17.51 -10.51 -24.00
C LEU B 297 -17.48 -9.76 -25.32
N LEU B 298 -16.39 -9.88 -26.09
CA LEU B 298 -16.29 -9.21 -27.39
C LEU B 298 -17.45 -9.64 -28.29
N VAL B 299 -17.76 -10.93 -28.33
CA VAL B 299 -18.88 -11.47 -29.15
C VAL B 299 -20.20 -10.86 -28.66
N ARG B 300 -20.42 -10.81 -27.37
CA ARG B 300 -21.68 -10.24 -26.82
CA ARG B 300 -21.66 -10.22 -26.78
C ARG B 300 -21.82 -8.77 -27.24
N TYR B 301 -20.71 -8.02 -27.27
CA TYR B 301 -20.73 -6.57 -27.59
C TYR B 301 -20.67 -6.30 -29.09
N GLY B 302 -20.70 -7.32 -29.95
CA GLY B 302 -20.85 -7.16 -31.41
C GLY B 302 -19.52 -7.02 -32.12
N PHE B 303 -18.43 -7.36 -31.44
CA PHE B 303 -17.07 -7.39 -32.02
C PHE B 303 -16.79 -8.82 -32.53
N ASP B 304 -15.81 -8.97 -33.42
CA ASP B 304 -15.39 -10.34 -33.82
C ASP B 304 -14.37 -10.78 -32.78
N THR B 305 -13.82 -11.98 -32.92
CA THR B 305 -12.73 -12.47 -32.03
C THR B 305 -11.37 -12.42 -32.79
N ASP B 306 -11.39 -12.11 -34.09
CA ASP B 306 -10.18 -12.10 -34.96
C ASP B 306 -9.19 -11.05 -34.45
N GLY B 307 -9.65 -9.83 -34.16
CA GLY B 307 -8.84 -8.75 -33.60
C GLY B 307 -8.16 -9.16 -32.29
N LEU B 308 -8.91 -9.77 -31.38
CA LEU B 308 -8.39 -10.26 -30.07
C LEU B 308 -7.30 -11.29 -30.33
N ASP B 309 -7.59 -12.30 -31.15
CA ASP B 309 -6.66 -13.44 -31.36
C ASP B 309 -5.40 -12.94 -32.11
N ARG B 310 -5.54 -12.02 -33.05
CA ARG B 310 -4.37 -11.45 -33.75
C ARG B 310 -3.56 -10.59 -32.79
N ALA B 311 -4.19 -9.88 -31.89
CA ALA B 311 -3.49 -9.00 -30.95
C ALA B 311 -2.68 -9.85 -29.97
N ILE B 312 -3.29 -10.91 -29.45
CA ILE B 312 -2.63 -11.90 -28.55
C ILE B 312 -1.39 -12.45 -29.29
N ALA B 313 -1.57 -12.90 -30.52
CA ALA B 313 -0.50 -13.58 -31.30
C ALA B 313 0.61 -12.57 -31.57
N ALA B 314 0.27 -11.28 -31.78
CA ALA B 314 1.27 -10.19 -31.98
C ALA B 314 2.18 -10.12 -30.76
N VAL B 315 1.61 -10.15 -29.58
CA VAL B 315 2.35 -9.97 -28.31
C VAL B 315 3.17 -11.23 -27.97
N THR B 316 2.66 -12.43 -28.18
CA THR B 316 3.46 -13.65 -27.84
C THR B 316 2.96 -14.86 -28.62
N PRO B 317 3.86 -15.72 -29.13
CA PRO B 317 3.44 -16.99 -29.74
C PRO B 317 3.26 -18.14 -28.74
N ARG B 318 3.46 -17.91 -27.45
CA ARG B 318 3.42 -19.02 -26.46
C ARG B 318 2.01 -19.61 -26.43
N PRO B 319 1.88 -20.91 -26.07
CA PRO B 319 0.59 -21.51 -25.80
C PRO B 319 -0.04 -20.74 -24.63
N LEU B 320 -1.33 -20.49 -24.72
CA LEU B 320 -2.05 -19.68 -23.72
C LEU B 320 -2.17 -20.47 -22.41
N ARG B 321 -2.25 -21.81 -22.47
CA ARG B 321 -2.39 -22.66 -21.24
C ARG B 321 -1.10 -22.67 -20.41
N ASP B 322 0.04 -22.21 -20.95
CA ASP B 322 1.37 -22.35 -20.33
C ASP B 322 1.62 -21.21 -19.34
N GLY B 323 0.70 -20.27 -19.23
CA GLY B 323 0.89 -19.14 -18.31
C GLY B 323 -0.40 -18.45 -18.02
N VAL B 324 -0.33 -17.49 -17.10
CA VAL B 324 -1.45 -16.62 -16.72
C VAL B 324 -0.89 -15.21 -16.68
N GLY B 325 -1.72 -14.18 -16.89
CA GLY B 325 -1.30 -12.78 -16.77
C GLY B 325 -0.94 -12.10 -18.09
N LEU B 326 -0.93 -12.82 -19.23
CA LEU B 326 -0.80 -12.17 -20.56
C LEU B 326 -1.97 -11.23 -20.70
N ILE B 327 -3.18 -11.75 -20.48
CA ILE B 327 -4.40 -10.91 -20.47
C ILE B 327 -4.51 -10.41 -19.03
N ALA B 328 -3.98 -9.23 -18.79
CA ALA B 328 -3.82 -8.72 -17.41
C ALA B 328 -5.15 -8.18 -16.89
N HIS B 329 -5.88 -7.49 -17.75
CA HIS B 329 -7.18 -6.81 -17.44
C HIS B 329 -8.09 -6.89 -18.65
N VAL B 330 -9.39 -6.78 -18.41
CA VAL B 330 -10.34 -6.44 -19.47
C VAL B 330 -11.27 -5.38 -18.91
N SER B 331 -11.69 -4.46 -19.74
CA SER B 331 -12.49 -3.32 -19.29
C SER B 331 -13.63 -3.04 -20.23
N LEU B 332 -14.68 -2.45 -19.67
CA LEU B 332 -15.88 -2.02 -20.37
C LEU B 332 -15.98 -0.52 -20.18
N ARG B 333 -16.18 0.19 -21.27
CA ARG B 333 -16.30 1.65 -21.36
C ARG B 333 -17.75 1.99 -21.69
N LEU B 334 -18.41 2.73 -20.79
CA LEU B 334 -19.83 3.17 -20.95
C LEU B 334 -19.90 4.70 -21.08
N GLY B 335 -18.76 5.39 -21.13
CA GLY B 335 -18.68 6.86 -21.22
C GLY B 335 -18.69 7.38 -22.67
N ALA B 336 -19.30 6.63 -23.62
CA ALA B 336 -19.44 7.01 -25.05
C ALA B 336 -20.65 6.28 -25.67
N PRO B 339 -21.05 1.21 -26.41
CA PRO B 339 -20.01 0.71 -25.46
C PRO B 339 -18.80 0.07 -26.16
N GLY B 340 -17.59 0.29 -25.61
CA GLY B 340 -16.34 -0.32 -26.10
C GLY B 340 -15.72 -1.29 -25.09
N VAL B 341 -14.88 -2.18 -25.55
CA VAL B 341 -14.19 -3.18 -24.69
C VAL B 341 -12.70 -3.06 -24.94
N THR B 342 -11.90 -2.99 -23.88
CA THR B 342 -10.43 -2.90 -23.95
C THR B 342 -9.79 -4.15 -23.34
N VAL B 343 -8.80 -4.67 -24.01
CA VAL B 343 -8.01 -5.85 -23.57
C VAL B 343 -6.59 -5.36 -23.29
N TYR B 344 -6.08 -5.68 -22.09
CA TYR B 344 -4.74 -5.24 -21.62
C TYR B 344 -3.82 -6.44 -21.72
N LEU B 345 -2.71 -6.27 -22.45
CA LEU B 345 -1.80 -7.37 -22.85
C LEU B 345 -0.40 -7.11 -22.31
N SER B 346 0.10 -8.05 -21.50
CA SER B 346 1.40 -7.99 -20.82
C SER B 346 2.56 -8.28 -21.80
N ALA B 347 3.62 -7.48 -21.74
CA ALA B 347 4.85 -7.68 -22.53
C ALA B 347 5.55 -8.99 -22.14
N GLU B 348 5.44 -9.39 -20.86
CA GLU B 348 6.11 -10.60 -20.32
C GLU B 348 7.59 -10.58 -20.73
N ALA B 349 8.28 -9.44 -20.58
CA ALA B 349 9.71 -9.33 -20.92
C ALA B 349 10.55 -10.12 -19.90
N TYR B 350 10.08 -10.25 -18.66
CA TYR B 350 10.87 -10.79 -17.53
C TYR B 350 10.33 -12.13 -17.06
N ARG B 351 9.01 -12.34 -17.06
CA ARG B 351 8.43 -13.55 -16.48
C ARG B 351 7.08 -13.83 -17.11
N VAL B 352 6.82 -15.10 -17.37
CA VAL B 352 5.47 -15.64 -17.61
C VAL B 352 5.00 -16.25 -16.31
N SER B 353 3.98 -15.68 -15.69
CA SER B 353 3.40 -16.20 -14.44
C SER B 353 2.92 -17.62 -14.71
N PRO B 354 3.24 -18.58 -13.85
CA PRO B 354 2.82 -19.95 -14.07
C PRO B 354 1.31 -20.08 -13.96
N PRO B 355 0.70 -21.05 -14.67
CA PRO B 355 -0.73 -21.26 -14.57
C PRO B 355 -1.08 -21.75 -13.16
N ARG B 356 -2.31 -21.50 -12.69
CA ARG B 356 -2.87 -22.16 -11.48
C ARG B 356 -3.38 -23.56 -11.89
N PRO B 357 -3.33 -24.57 -10.98
CA PRO B 357 -3.90 -25.89 -11.28
C PRO B 357 -5.42 -25.84 -11.54
N ARG B 358 -5.88 -26.62 -12.54
CA ARG B 358 -7.31 -26.72 -12.97
C ARG B 358 -7.99 -27.89 -12.23
#